data_8GKW
#
_entry.id   8GKW
#
_cell.length_a   158.195
_cell.length_b   158.195
_cell.length_c   207.072
_cell.angle_alpha   90.00
_cell.angle_beta   90.00
_cell.angle_gamma   120.00
#
_symmetry.space_group_name_H-M   'P 65 2 2'
#
loop_
_entity.id
_entity.type
_entity.pdbx_description
1 polymer 'Serine hydroxymethyltransferase, mitochondrial'
2 non-polymer GLYCINE
3 non-polymer "PYRIDOXAL-5'-PHOSPHATE"
4 non-polymer 'N-{4-[3-(2-amino-4-oxo-3,4-dihydro-5H-pyrrolo[3,2-d]pyrimidin-5-yl)propyl]-2-fluorobenzoyl}-L-glutamic acid'
5 water water
#
_entity_poly.entity_id   1
_entity_poly.type   'polypeptide(L)'
_entity_poly.pdbx_seq_one_letter_code
;MGSSHHHHHHSSGLVPRSNAAQTQTGEANRGWTGQESLSDSDPEMWELLQREKDRQCRGLELIASENFCSRAALEALGSC
LNNKYSEGYPGKRYYGGAEVVDEIELLCQRRALEAFDLDPAQWGVNVQPYSGSPANLAVYTALLQPHDRIMGLDLPDGGH
LTHGYMSDVKRISATSIFFESMPYKLNPKTGLIDYNQLALTARLFRPRLIIAGTSAYARLIDYARMREVCDEVKAHLLAD
MAHISGLVAAKVIPSPFKHADIVTTTTHKTLRGARSGLIFYRKGVKAVDPKTGREIPYTFEDRINFAVFPSLQGGPHNHA
IAAVAVALKQACTPMFREYSLQVLKNARAMADALLERGYSLVSGGTDNHLVLVDLRPKGLDGARAERVLELVSITANKNT
CPGDRSAITPGGLRLGAPALTSRQFREDDFRRVVDFIDEGVNIGLEVKSKTAKLQDFKSFLLKDSETSQRLANLRQRVEQ
FARAFPMPGFDEH
;
_entity_poly.pdbx_strand_id   A,B
#
loop_
_chem_comp.id
_chem_comp.type
_chem_comp.name
_chem_comp.formula
PLP non-polymer PYRIDOXAL-5'-PHOSPHATE 'C8 H10 N O6 P'
ZVR non-polymer 'N-{4-[3-(2-amino-4-oxo-3,4-dihydro-5H-pyrrolo[3,2-d]pyrimidin-5-yl)propyl]-2-fluorobenzoyl}-L-glutamic acid' 'C21 H22 F N5 O6'
#
# COMPACT_ATOMS: atom_id res chain seq x y z
N TRP A 32 0.46 26.34 14.36
CA TRP A 32 0.85 25.13 13.67
C TRP A 32 0.81 25.31 12.15
N THR A 33 1.95 25.09 11.51
CA THR A 33 2.06 25.26 10.06
C THR A 33 2.18 23.95 9.30
N GLY A 34 2.53 22.85 9.97
CA GLY A 34 2.80 21.62 9.26
C GLY A 34 4.11 21.61 8.50
N GLN A 35 4.98 22.60 8.75
CA GLN A 35 6.27 22.68 8.09
C GLN A 35 7.43 22.48 9.06
N GLU A 36 7.14 22.09 10.30
CA GLU A 36 8.19 21.80 11.26
C GLU A 36 8.87 20.48 10.93
N SER A 37 10.17 20.41 11.19
CA SER A 37 10.92 19.19 10.93
C SER A 37 10.50 18.09 11.90
N LEU A 38 10.71 16.84 11.46
CA LEU A 38 10.44 15.71 12.34
C LEU A 38 11.35 15.72 13.56
N SER A 39 12.59 16.20 13.39
CA SER A 39 13.52 16.28 14.52
C SER A 39 12.97 17.14 15.64
N ASP A 40 12.33 18.26 15.29
CA ASP A 40 11.76 19.16 16.29
C ASP A 40 10.35 18.76 16.70
N SER A 41 9.55 18.27 15.76
CA SER A 41 8.14 17.99 16.04
C SER A 41 7.98 16.72 16.89
N ASP A 42 8.62 15.64 16.47
CA ASP A 42 8.47 14.32 17.11
C ASP A 42 9.85 13.74 17.37
N PRO A 43 10.51 14.16 18.46
CA PRO A 43 11.85 13.64 18.74
C PRO A 43 11.87 12.14 19.04
N GLU A 44 10.82 11.60 19.66
CA GLU A 44 10.77 10.17 19.92
C GLU A 44 10.79 9.37 18.62
N MET A 45 10.00 9.81 17.64
CA MET A 45 9.99 9.11 16.35
C MET A 45 11.26 9.40 15.56
N TRP A 46 11.78 10.62 15.67
CA TRP A 46 13.02 10.95 14.97
C TRP A 46 14.18 10.11 15.49
N GLU A 47 14.19 9.82 16.79
CA GLU A 47 15.23 8.96 17.35
C GLU A 47 15.10 7.54 16.82
N LEU A 48 13.88 7.01 16.75
CA LEU A 48 13.68 5.67 16.22
C LEU A 48 14.12 5.57 14.76
N LEU A 49 13.91 6.64 13.99
CA LEU A 49 14.40 6.67 12.62
C LEU A 49 15.92 6.60 12.59
N GLN A 50 16.59 7.29 13.50
CA GLN A 50 18.05 7.25 13.53
C GLN A 50 18.55 5.90 14.03
N ARG A 51 17.82 5.28 14.96
CA ARG A 51 18.22 3.95 15.43
C ARG A 51 18.14 2.92 14.32
N GLU A 52 17.08 2.96 13.50
CA GLU A 52 16.97 2.03 12.39
C GLU A 52 18.02 2.33 11.32
N LYS A 53 18.28 3.62 11.06
CA LYS A 53 19.31 3.97 10.09
C LYS A 53 20.67 3.44 10.52
N ASP A 54 21.00 3.58 11.81
CA ASP A 54 22.27 3.05 12.32
C ASP A 54 22.32 1.54 12.20
N ARG A 55 21.19 0.86 12.47
CA ARG A 55 21.17 -0.60 12.37
C ARG A 55 21.44 -1.06 10.95
N GLN A 56 20.89 -0.36 9.96
CA GLN A 56 21.13 -0.73 8.57
C GLN A 56 22.57 -0.45 8.17
N CYS A 57 23.15 0.65 8.64
CA CYS A 57 24.52 1.00 8.26
C CYS A 57 25.53 0.04 8.87
N ARG A 58 25.27 -0.46 10.07
CA ARG A 58 26.23 -1.30 10.78
C ARG A 58 26.05 -2.79 10.53
N GLY A 59 24.95 -3.21 9.94
CA GLY A 59 24.66 -4.61 9.75
C GLY A 59 25.02 -5.12 8.37
N LEU A 60 25.33 -6.41 8.30
CA LEU A 60 25.53 -7.10 7.03
C LEU A 60 24.18 -7.65 6.58
N GLU A 61 23.52 -6.91 5.68
CA GLU A 61 22.16 -7.24 5.27
C GLU A 61 22.22 -8.32 4.19
N LEU A 62 21.80 -9.54 4.53
CA LEU A 62 21.84 -10.67 3.60
C LEU A 62 20.46 -11.21 3.27
N ILE A 63 19.39 -10.54 3.68
CA ILE A 63 18.05 -10.95 3.28
C ILE A 63 17.91 -10.72 1.78
N ALA A 64 17.63 -11.79 1.03
CA ALA A 64 17.65 -11.73 -0.42
C ALA A 64 16.62 -10.76 -0.99
N SER A 65 15.59 -10.42 -0.22
CA SER A 65 14.54 -9.52 -0.69
C SER A 65 14.76 -8.08 -0.24
N GLU A 66 15.89 -7.78 0.39
CA GLU A 66 16.16 -6.45 0.90
C GLU A 66 17.09 -5.69 -0.03
N ASN A 67 16.88 -4.38 -0.07
CA ASN A 67 17.77 -3.47 -0.77
C ASN A 67 17.74 -2.13 -0.04
N PHE A 68 18.62 -1.22 -0.47
CA PHE A 68 18.69 0.11 0.13
C PHE A 68 18.31 1.12 -0.93
N CYS A 69 17.17 1.78 -0.73
CA CYS A 69 16.61 2.69 -1.72
C CYS A 69 17.42 3.98 -1.78
N SER A 70 17.54 4.52 -2.99
CA SER A 70 18.31 5.74 -3.19
C SER A 70 17.59 6.94 -2.55
N ARG A 71 18.38 7.97 -2.23
CA ARG A 71 17.82 9.19 -1.69
C ARG A 71 16.88 9.86 -2.68
N ALA A 72 17.21 9.78 -3.98
CA ALA A 72 16.37 10.40 -5.00
C ALA A 72 14.96 9.84 -4.96
N ALA A 73 14.82 8.52 -4.87
CA ALA A 73 13.50 7.92 -4.81
C ALA A 73 12.82 8.22 -3.48
N LEU A 74 13.58 8.21 -2.38
CA LEU A 74 12.99 8.52 -1.07
C LEU A 74 12.47 9.95 -1.02
N GLU A 75 13.12 10.87 -1.73
CA GLU A 75 12.64 12.25 -1.77
C GLU A 75 11.26 12.33 -2.40
N ALA A 76 11.00 11.54 -3.43
CA ALA A 76 9.68 11.47 -4.03
C ALA A 76 8.70 10.69 -3.17
N LEU A 77 9.18 9.68 -2.45
CA LEU A 77 8.31 8.87 -1.61
C LEU A 77 7.70 9.70 -0.49
N GLY A 78 8.48 10.61 0.09
CA GLY A 78 7.96 11.52 1.10
C GLY A 78 7.78 12.92 0.54
N SER A 79 6.82 13.09 -0.37
CA SER A 79 6.59 14.34 -1.05
C SER A 79 5.12 14.71 -0.97
N CYS A 80 4.79 15.88 -1.53
CA CYS A 80 3.42 16.38 -1.55
C CYS A 80 2.49 15.51 -2.40
N LEU A 81 3.03 14.56 -3.17
CA LEU A 81 2.18 13.67 -3.95
C LEU A 81 1.32 12.78 -3.07
N ASN A 82 1.65 12.69 -1.78
CA ASN A 82 0.76 12.01 -0.83
C ASN A 82 -0.59 12.72 -0.71
N ASN A 83 -0.65 14.01 -1.03
CA ASN A 83 -1.83 14.83 -0.83
C ASN A 83 -2.76 14.85 -2.04
N LYS A 84 -2.64 13.90 -2.96
CA LYS A 84 -3.42 13.91 -4.20
C LYS A 84 -4.21 12.62 -4.33
N TYR A 85 -5.53 12.72 -4.25
CA TYR A 85 -6.41 11.60 -4.55
C TYR A 85 -6.66 11.57 -6.06
N SER A 86 -6.16 10.54 -6.72
CA SER A 86 -6.27 10.40 -8.17
C SER A 86 -6.86 9.04 -8.53
N GLU A 87 -8.01 8.71 -7.94
CA GLU A 87 -8.69 7.47 -8.26
C GLU A 87 -9.00 7.41 -9.74
N GLY A 88 -8.74 6.27 -10.35
CA GLY A 88 -8.89 6.12 -11.78
C GLY A 88 -7.55 5.98 -12.47
N TYR A 89 -7.44 6.50 -13.68
CA TYR A 89 -6.25 6.35 -14.50
C TYR A 89 -6.04 7.63 -15.30
N PRO A 90 -4.82 7.85 -15.82
CA PRO A 90 -4.56 9.09 -16.58
C PRO A 90 -5.59 9.35 -17.67
N GLY A 91 -6.24 10.51 -17.60
CA GLY A 91 -7.32 10.87 -18.48
C GLY A 91 -8.70 10.42 -18.01
N LYS A 92 -8.75 9.34 -17.22
CA LYS A 92 -10.00 8.81 -16.68
C LYS A 92 -9.95 8.90 -15.17
N ARG A 93 -10.03 10.11 -14.65
CA ARG A 93 -10.00 10.36 -13.20
C ARG A 93 -11.41 10.66 -12.69
N TYR A 94 -11.66 10.22 -11.46
CA TYR A 94 -12.91 10.59 -10.79
C TYR A 94 -12.93 12.07 -10.45
N TYR A 95 -11.81 12.60 -9.96
CA TYR A 95 -11.69 14.00 -9.57
C TYR A 95 -11.00 14.78 -10.68
N GLY A 96 -10.86 16.09 -10.46
CA GLY A 96 -10.08 16.95 -11.31
C GLY A 96 -8.77 17.35 -10.64
N GLY A 97 -8.06 18.25 -11.33
CA GLY A 97 -6.77 18.70 -10.84
C GLY A 97 -5.73 17.61 -10.76
N ALA A 98 -5.72 16.69 -11.74
CA ALA A 98 -4.79 15.58 -11.76
C ALA A 98 -3.80 15.68 -12.92
N GLU A 99 -3.64 16.87 -13.50
CA GLU A 99 -2.82 17.01 -14.70
C GLU A 99 -1.36 16.64 -14.44
N VAL A 100 -0.84 16.92 -13.23
CA VAL A 100 0.55 16.63 -12.95
C VAL A 100 0.74 15.15 -12.59
N VAL A 101 -0.13 14.61 -11.74
CA VAL A 101 -0.02 13.21 -11.38
C VAL A 101 -0.33 12.30 -12.56
N ASP A 102 -1.10 12.78 -13.54
CA ASP A 102 -1.24 12.04 -14.79
C ASP A 102 0.08 11.96 -15.53
N GLU A 103 0.80 13.08 -15.60
CA GLU A 103 2.13 13.06 -16.20
C GLU A 103 3.08 12.15 -15.43
N ILE A 104 2.98 12.16 -14.10
CA ILE A 104 3.85 11.32 -13.29
C ILE A 104 3.53 9.85 -13.48
N GLU A 105 2.23 9.51 -13.52
CA GLU A 105 1.85 8.10 -13.72
C GLU A 105 2.18 7.64 -15.14
N LEU A 106 1.94 8.51 -16.13
CA LEU A 106 2.28 8.14 -17.51
C LEU A 106 3.78 7.99 -17.70
N LEU A 107 4.56 8.88 -17.05
CA LEU A 107 6.01 8.76 -17.13
C LEU A 107 6.50 7.48 -16.47
N CYS A 108 5.90 7.12 -15.33
CA CYS A 108 6.27 5.87 -14.66
C CYS A 108 5.99 4.66 -15.54
N GLN A 109 4.87 4.69 -16.27
CA GLN A 109 4.56 3.61 -17.20
C GLN A 109 5.59 3.54 -18.32
N ARG A 110 5.92 4.68 -18.91
CA ARG A 110 6.92 4.71 -19.98
C ARG A 110 8.27 4.22 -19.49
N ARG A 111 8.69 4.67 -18.30
CA ARG A 111 9.96 4.20 -17.75
C ARG A 111 9.91 2.74 -17.38
N ALA A 112 8.73 2.23 -17.00
CA ALA A 112 8.58 0.81 -16.70
C ALA A 112 8.77 -0.04 -17.95
N LEU A 113 8.14 0.36 -19.06
CA LEU A 113 8.31 -0.37 -20.31
C LEU A 113 9.72 -0.25 -20.84
N GLU A 114 10.34 0.92 -20.69
CA GLU A 114 11.70 1.11 -21.16
C GLU A 114 12.69 0.29 -20.34
N ALA A 115 12.47 0.21 -19.03
CA ALA A 115 13.41 -0.52 -18.17
C ALA A 115 13.49 -1.99 -18.51
N PHE A 116 12.41 -2.55 -19.06
CA PHE A 116 12.37 -3.96 -19.42
C PHE A 116 12.31 -4.17 -20.93
N ASP A 117 12.62 -3.13 -21.71
CA ASP A 117 12.77 -3.24 -23.16
C ASP A 117 11.51 -3.79 -23.82
N LEU A 118 10.38 -3.14 -23.53
CA LEU A 118 9.08 -3.61 -23.99
C LEU A 118 8.50 -2.64 -25.02
N ASP A 119 7.95 -3.21 -26.08
CA ASP A 119 7.26 -2.41 -27.09
C ASP A 119 5.91 -1.96 -26.55
N PRO A 120 5.64 -0.65 -26.47
CA PRO A 120 4.33 -0.20 -25.97
C PRO A 120 3.15 -0.74 -26.75
N ALA A 121 3.34 -1.14 -28.00
CA ALA A 121 2.27 -1.78 -28.76
C ALA A 121 2.03 -3.21 -28.33
N GLN A 122 3.03 -3.85 -27.69
CA GLN A 122 2.90 -5.22 -27.22
C GLN A 122 2.63 -5.32 -25.72
N TRP A 123 2.96 -4.30 -24.95
CA TRP A 123 2.92 -4.38 -23.50
C TRP A 123 2.34 -3.12 -22.89
N GLY A 124 1.46 -3.30 -21.90
CA GLY A 124 1.04 -2.24 -21.02
C GLY A 124 1.48 -2.55 -19.61
N VAL A 125 1.33 -1.57 -18.72
CA VAL A 125 1.77 -1.72 -17.34
C VAL A 125 0.89 -0.88 -16.43
N ASN A 126 0.46 -1.46 -15.32
CA ASN A 126 -0.27 -0.76 -14.28
C ASN A 126 0.69 -0.49 -13.13
N VAL A 127 0.83 0.79 -12.76
CA VAL A 127 1.80 1.20 -11.75
C VAL A 127 1.15 1.52 -10.41
N GLN A 128 -0.13 1.18 -10.25
CA GLN A 128 -0.86 1.48 -9.02
C GLN A 128 -0.90 0.40 -7.94
N PRO A 129 -0.46 -0.85 -8.17
CA PRO A 129 -0.48 -1.82 -7.06
C PRO A 129 0.30 -1.32 -5.86
N TYR A 130 -0.33 -1.42 -4.69
CA TYR A 130 0.28 -0.90 -3.47
C TYR A 130 1.57 -1.63 -3.13
N SER A 131 1.66 -2.91 -3.47
CA SER A 131 2.86 -3.70 -3.21
C SER A 131 2.84 -4.91 -4.12
N GLY A 132 3.76 -5.84 -3.89
CA GLY A 132 3.80 -7.05 -4.71
C GLY A 132 2.59 -7.95 -4.50
N SER A 133 2.17 -8.11 -3.25
CA SER A 133 1.00 -8.94 -2.96
C SER A 133 -0.28 -8.35 -3.55
N PRO A 134 -0.58 -7.05 -3.43
CA PRO A 134 -1.74 -6.51 -4.14
C PRO A 134 -1.66 -6.67 -5.65
N ALA A 135 -0.45 -6.63 -6.22
CA ALA A 135 -0.30 -6.83 -7.65
C ALA A 135 -0.77 -8.22 -8.07
N ASN A 136 -0.38 -9.24 -7.32
CA ASN A 136 -0.78 -10.60 -7.65
C ASN A 136 -2.28 -10.80 -7.46
N LEU A 137 -2.84 -10.28 -6.37
CA LEU A 137 -4.27 -10.41 -6.14
C LEU A 137 -5.07 -9.70 -7.22
N ALA A 138 -4.54 -8.60 -7.76
CA ALA A 138 -5.23 -7.90 -8.84
C ALA A 138 -5.27 -8.73 -10.11
N VAL A 139 -4.19 -9.47 -10.40
CA VAL A 139 -4.17 -10.32 -11.58
C VAL A 139 -5.19 -11.45 -11.46
N TYR A 140 -5.25 -12.08 -10.28
CA TYR A 140 -6.21 -13.17 -10.08
C TYR A 140 -7.64 -12.65 -10.19
N THR A 141 -7.91 -11.51 -9.55
CA THR A 141 -9.25 -10.92 -9.63
C THR A 141 -9.59 -10.51 -11.05
N ALA A 142 -8.60 -10.08 -11.83
CA ALA A 142 -8.85 -9.61 -13.19
C ALA A 142 -9.17 -10.76 -14.13
N LEU A 143 -8.43 -11.87 -14.02
CA LEU A 143 -8.50 -12.92 -15.02
C LEU A 143 -9.28 -14.16 -14.59
N LEU A 144 -9.54 -14.31 -13.29
CA LEU A 144 -10.16 -15.53 -12.78
C LEU A 144 -11.45 -15.20 -12.05
N GLN A 145 -12.33 -16.19 -12.00
CA GLN A 145 -13.50 -16.16 -11.14
C GLN A 145 -13.15 -16.71 -9.77
N PRO A 146 -13.93 -16.37 -8.73
CA PRO A 146 -13.70 -16.97 -7.42
C PRO A 146 -13.72 -18.49 -7.51
N HIS A 147 -12.73 -19.12 -6.84
CA HIS A 147 -12.50 -20.56 -6.80
C HIS A 147 -11.94 -21.12 -8.09
N ASP A 148 -11.53 -20.27 -9.04
CA ASP A 148 -10.79 -20.75 -10.19
C ASP A 148 -9.41 -21.23 -9.73
N ARG A 149 -8.77 -22.04 -10.58
CA ARG A 149 -7.64 -22.83 -10.16
C ARG A 149 -6.32 -22.14 -10.50
N ILE A 150 -5.35 -22.30 -9.59
CA ILE A 150 -4.06 -21.61 -9.64
C ILE A 150 -3.00 -22.60 -9.21
N MET A 151 -1.85 -22.58 -9.89
CA MET A 151 -0.72 -23.41 -9.52
C MET A 151 0.51 -22.53 -9.35
N GLY A 152 1.12 -22.57 -8.17
CA GLY A 152 2.36 -21.90 -7.91
C GLY A 152 3.33 -22.82 -7.19
N LEU A 153 4.59 -22.41 -7.17
CA LEU A 153 5.58 -23.18 -6.44
C LEU A 153 5.24 -23.22 -4.96
N ASP A 154 5.31 -24.42 -4.37
CA ASP A 154 4.98 -24.57 -2.96
C ASP A 154 5.85 -23.65 -2.10
N LEU A 155 5.26 -23.16 -1.01
CA LEU A 155 5.97 -22.19 -0.18
C LEU A 155 7.28 -22.74 0.38
N PRO A 156 7.31 -23.91 1.04
CA PRO A 156 8.62 -24.44 1.48
C PRO A 156 9.54 -24.83 0.35
N ASP A 157 9.04 -24.91 -0.88
CA ASP A 157 9.85 -25.21 -2.04
C ASP A 157 10.46 -23.98 -2.69
N GLY A 158 10.13 -22.79 -2.19
CA GLY A 158 10.63 -21.55 -2.77
C GLY A 158 9.57 -20.60 -3.29
N GLY A 159 8.30 -20.98 -3.32
CA GLY A 159 7.26 -20.09 -3.80
C GLY A 159 6.80 -19.10 -2.75
N HIS A 160 6.06 -18.10 -3.21
CA HIS A 160 5.57 -17.03 -2.35
C HIS A 160 4.17 -17.32 -1.86
N LEU A 161 3.80 -16.65 -0.76
CA LEU A 161 2.45 -16.77 -0.21
C LEU A 161 1.39 -16.54 -1.26
N THR A 162 1.51 -15.44 -2.00
CA THR A 162 0.50 -15.03 -2.98
C THR A 162 0.40 -15.98 -4.16
N HIS A 163 1.15 -17.07 -4.18
CA HIS A 163 1.02 -18.08 -5.22
C HIS A 163 0.07 -19.20 -4.82
N GLY A 164 -0.63 -19.05 -3.70
CA GLY A 164 -1.62 -20.02 -3.29
C GLY A 164 -1.10 -21.02 -2.27
N TYR A 165 -0.74 -20.54 -1.08
CA TYR A 165 -0.24 -21.41 -0.02
C TYR A 165 -1.34 -21.69 0.99
N MET A 166 -1.55 -22.97 1.28
CA MET A 166 -2.39 -23.39 2.38
C MET A 166 -1.79 -24.66 2.96
N SER A 167 -1.77 -24.74 4.29
CA SER A 167 -1.21 -25.90 4.96
C SER A 167 -2.23 -27.04 4.94
N ASP A 168 -1.82 -28.18 5.50
CA ASP A 168 -2.75 -29.30 5.66
C ASP A 168 -3.83 -29.02 6.70
N VAL A 169 -3.78 -27.88 7.38
CA VAL A 169 -4.72 -27.57 8.45
C VAL A 169 -5.54 -26.32 8.18
N LYS A 170 -5.12 -25.43 7.28
CA LYS A 170 -5.70 -24.10 7.22
C LYS A 170 -5.38 -23.46 5.88
N ARG A 171 -6.36 -22.73 5.33
CA ARG A 171 -6.10 -21.84 4.21
C ARG A 171 -5.38 -20.61 4.74
N ILE A 172 -4.16 -20.36 4.25
CA ILE A 172 -3.29 -19.36 4.85
C ILE A 172 -3.30 -18.08 4.00
N SER A 173 -2.92 -18.19 2.74
CA SER A 173 -2.96 -17.05 1.85
C SER A 173 -4.37 -16.85 1.31
N ALA A 174 -4.78 -15.58 1.19
CA ALA A 174 -6.07 -15.28 0.59
C ALA A 174 -6.18 -15.79 -0.84
N THR A 175 -5.03 -15.99 -1.50
CA THR A 175 -5.03 -16.63 -2.81
C THR A 175 -5.57 -18.05 -2.73
N SER A 176 -5.42 -18.70 -1.57
CA SER A 176 -5.98 -20.02 -1.35
C SER A 176 -7.40 -19.97 -0.81
N ILE A 177 -7.93 -18.80 -0.49
CA ILE A 177 -9.28 -18.64 0.01
C ILE A 177 -10.24 -18.26 -1.11
N PHE A 178 -9.94 -17.18 -1.83
CA PHE A 178 -10.79 -16.73 -2.93
C PHE A 178 -10.56 -17.53 -4.20
N PHE A 179 -9.49 -18.30 -4.28
CA PHE A 179 -9.20 -19.14 -5.43
C PHE A 179 -8.68 -20.49 -4.94
N GLU A 180 -8.74 -21.47 -5.83
CA GLU A 180 -8.38 -22.84 -5.50
C GLU A 180 -6.96 -23.11 -6.01
N SER A 181 -6.02 -23.29 -5.10
CA SER A 181 -4.62 -23.45 -5.45
C SER A 181 -4.16 -24.87 -5.23
N MET A 182 -3.25 -25.31 -6.09
CA MET A 182 -2.51 -26.55 -5.91
C MET A 182 -1.05 -26.28 -6.23
N PRO A 183 -0.13 -26.57 -5.32
CA PRO A 183 1.28 -26.26 -5.56
C PRO A 183 1.93 -27.27 -6.49
N TYR A 184 3.04 -26.84 -7.10
CA TYR A 184 3.99 -27.75 -7.70
C TYR A 184 5.30 -27.67 -6.94
N LYS A 185 6.11 -28.72 -7.07
CA LYS A 185 7.21 -28.97 -6.14
C LYS A 185 8.55 -28.95 -6.87
N LEU A 186 9.60 -28.78 -6.08
CA LEU A 186 10.95 -29.02 -6.55
C LEU A 186 11.20 -30.51 -6.70
N ASN A 187 12.23 -30.86 -7.47
CA ASN A 187 12.78 -32.20 -7.46
C ASN A 187 13.84 -32.24 -6.38
N PRO A 188 13.60 -32.88 -5.24
CA PRO A 188 14.57 -32.81 -4.13
C PRO A 188 15.95 -33.34 -4.47
N LYS A 189 16.06 -34.22 -5.48
CA LYS A 189 17.38 -34.72 -5.86
C LYS A 189 18.22 -33.63 -6.51
N THR A 190 17.60 -32.75 -7.29
CA THR A 190 18.32 -31.69 -7.99
C THR A 190 18.12 -30.32 -7.35
N GLY A 191 17.09 -30.13 -6.54
CA GLY A 191 16.78 -28.81 -6.04
C GLY A 191 16.14 -27.89 -7.07
N LEU A 192 15.81 -28.41 -8.24
CA LEU A 192 15.21 -27.63 -9.31
C LEU A 192 13.71 -27.88 -9.37
N ILE A 193 12.99 -26.93 -9.98
CA ILE A 193 11.56 -27.09 -10.22
C ILE A 193 11.35 -28.35 -11.05
N ASP A 194 10.42 -29.20 -10.60
CA ASP A 194 10.08 -30.43 -11.33
C ASP A 194 9.08 -30.07 -12.41
N TYR A 195 9.61 -29.62 -13.55
CA TYR A 195 8.76 -29.21 -14.66
C TYR A 195 7.95 -30.38 -15.21
N ASN A 196 8.48 -31.61 -15.08
CA ASN A 196 7.74 -32.77 -15.57
C ASN A 196 6.54 -33.09 -14.67
N GLN A 197 6.72 -33.03 -13.36
CA GLN A 197 5.60 -33.26 -12.46
C GLN A 197 4.59 -32.12 -12.53
N LEU A 198 5.05 -30.90 -12.80
CA LEU A 198 4.12 -29.79 -13.02
C LEU A 198 3.25 -30.07 -14.24
N ALA A 199 3.87 -30.53 -15.34
CA ALA A 199 3.11 -30.85 -16.54
C ALA A 199 2.12 -31.97 -16.28
N LEU A 200 2.55 -33.00 -15.55
CA LEU A 200 1.66 -34.12 -15.23
C LEU A 200 0.47 -33.65 -14.41
N THR A 201 0.72 -32.91 -13.33
CA THR A 201 -0.35 -32.52 -12.42
C THR A 201 -1.22 -31.40 -12.98
N ALA A 202 -0.65 -30.51 -13.81
CA ALA A 202 -1.46 -29.47 -14.43
C ALA A 202 -2.48 -30.07 -15.40
N ARG A 203 -2.14 -31.19 -16.05
CA ARG A 203 -3.09 -31.85 -16.92
C ARG A 203 -4.28 -32.40 -16.15
N LEU A 204 -4.08 -32.76 -14.88
CA LEU A 204 -5.15 -33.29 -14.04
C LEU A 204 -5.88 -32.19 -13.30
N PHE A 205 -5.14 -31.18 -12.81
CA PHE A 205 -5.73 -30.10 -12.02
C PHE A 205 -6.43 -29.07 -12.90
N ARG A 206 -5.96 -28.90 -14.14
CA ARG A 206 -6.54 -27.94 -15.07
C ARG A 206 -6.57 -26.51 -14.49
N PRO A 207 -5.41 -25.94 -14.18
CA PRO A 207 -5.40 -24.57 -13.64
C PRO A 207 -5.73 -23.56 -14.72
N ARG A 208 -6.38 -22.47 -14.28
CA ARG A 208 -6.62 -21.35 -15.18
C ARG A 208 -5.42 -20.43 -15.27
N LEU A 209 -4.49 -20.53 -14.32
CA LEU A 209 -3.32 -19.67 -14.29
C LEU A 209 -2.21 -20.39 -13.53
N ILE A 210 -0.99 -20.30 -14.06
CA ILE A 210 0.19 -20.88 -13.43
C ILE A 210 1.20 -19.77 -13.19
N ILE A 211 1.80 -19.75 -12.00
CA ILE A 211 2.71 -18.70 -11.58
C ILE A 211 4.15 -19.19 -11.73
N ALA A 212 4.94 -18.47 -12.52
CA ALA A 212 6.35 -18.72 -12.68
C ALA A 212 7.10 -17.60 -11.96
N GLY A 213 7.51 -17.88 -10.72
CA GLY A 213 8.16 -16.88 -9.90
C GLY A 213 8.41 -17.40 -8.50
N THR A 214 9.51 -16.98 -7.88
CA THR A 214 9.95 -17.59 -6.64
C THR A 214 10.37 -16.52 -5.64
N SER A 215 10.46 -16.95 -4.38
CA SER A 215 11.04 -16.16 -3.31
C SER A 215 12.37 -16.71 -2.82
N ALA A 216 12.57 -18.03 -2.89
CA ALA A 216 13.80 -18.69 -2.44
C ALA A 216 14.17 -19.76 -3.49
N TYR A 217 14.78 -19.31 -4.57
CA TYR A 217 15.19 -20.19 -5.67
C TYR A 217 16.44 -19.58 -6.30
N ALA A 218 17.52 -20.34 -6.33
CA ALA A 218 18.82 -19.83 -6.78
C ALA A 218 19.06 -20.05 -8.26
N ARG A 219 18.11 -20.58 -9.01
CA ARG A 219 18.31 -20.93 -10.40
C ARG A 219 17.33 -20.18 -11.29
N LEU A 220 17.62 -20.22 -12.59
CA LEU A 220 16.75 -19.57 -13.57
C LEU A 220 15.54 -20.44 -13.88
N ILE A 221 14.40 -19.80 -14.03
CA ILE A 221 13.15 -20.49 -14.30
C ILE A 221 13.04 -20.74 -15.80
N ASP A 222 12.62 -21.95 -16.18
CA ASP A 222 12.43 -22.31 -17.58
C ASP A 222 11.06 -21.79 -18.01
N TYR A 223 11.02 -20.50 -18.34
CA TYR A 223 9.77 -19.86 -18.73
C TYR A 223 9.21 -20.47 -20.02
N ALA A 224 10.09 -20.92 -20.92
CA ALA A 224 9.63 -21.57 -22.13
C ALA A 224 8.88 -22.86 -21.81
N ARG A 225 9.38 -23.64 -20.85
CA ARG A 225 8.68 -24.85 -20.45
C ARG A 225 7.38 -24.52 -19.72
N MET A 226 7.39 -23.47 -18.89
CA MET A 226 6.15 -23.02 -18.26
C MET A 226 5.12 -22.62 -19.31
N ARG A 227 5.57 -21.93 -20.36
CA ARG A 227 4.67 -21.51 -21.43
C ARG A 227 4.04 -22.72 -22.12
N GLU A 228 4.85 -23.74 -22.40
CA GLU A 228 4.32 -24.93 -23.06
C GLU A 228 3.26 -25.62 -22.21
N VAL A 229 3.51 -25.74 -20.90
CA VAL A 229 2.52 -26.34 -20.01
C VAL A 229 1.23 -25.51 -20.03
N CYS A 230 1.37 -24.19 -19.94
CA CYS A 230 0.20 -23.32 -19.93
C CYS A 230 -0.59 -23.42 -21.24
N ASP A 231 0.12 -23.44 -22.37
CA ASP A 231 -0.56 -23.56 -23.66
C ASP A 231 -1.32 -24.88 -23.77
N GLU A 232 -0.77 -25.95 -23.19
CA GLU A 232 -1.42 -27.25 -23.29
C GLU A 232 -2.73 -27.29 -22.50
N VAL A 233 -2.74 -26.72 -21.30
CA VAL A 233 -3.90 -26.77 -20.42
C VAL A 233 -4.75 -25.51 -20.53
N LYS A 234 -4.43 -24.61 -21.46
CA LYS A 234 -5.17 -23.37 -21.67
C LYS A 234 -5.19 -22.50 -20.43
N ALA A 235 -4.01 -22.26 -19.87
CA ALA A 235 -3.85 -21.46 -18.67
C ALA A 235 -3.02 -20.22 -18.98
N HIS A 236 -3.31 -19.13 -18.25
CA HIS A 236 -2.46 -17.96 -18.32
C HIS A 236 -1.14 -18.24 -17.61
N LEU A 237 -0.05 -17.74 -18.18
CA LEU A 237 1.26 -17.82 -17.55
C LEU A 237 1.56 -16.47 -16.91
N LEU A 238 1.61 -16.45 -15.58
CA LEU A 238 2.00 -15.26 -14.84
C LEU A 238 3.43 -15.44 -14.36
N ALA A 239 4.29 -14.48 -14.71
CA ALA A 239 5.67 -14.45 -14.24
C ALA A 239 5.76 -13.44 -13.11
N ASP A 240 6.03 -13.93 -11.90
CA ASP A 240 6.21 -13.07 -10.72
C ASP A 240 7.70 -12.91 -10.49
N MET A 241 8.28 -11.89 -11.12
CA MET A 241 9.72 -11.68 -11.13
C MET A 241 10.22 -10.75 -10.02
N ALA A 242 9.47 -10.67 -8.91
CA ALA A 242 9.76 -9.68 -7.88
C ALA A 242 11.21 -9.75 -7.39
N HIS A 243 11.73 -10.96 -7.19
CA HIS A 243 13.08 -11.10 -6.67
C HIS A 243 14.13 -10.76 -7.72
N ILE A 244 13.84 -10.99 -9.00
CA ILE A 244 14.83 -10.89 -10.06
C ILE A 244 14.55 -9.75 -11.02
N SER A 245 13.62 -8.84 -10.67
CA SER A 245 13.21 -7.81 -11.62
C SER A 245 14.37 -6.91 -12.02
N GLY A 246 15.21 -6.53 -11.04
CA GLY A 246 16.37 -5.71 -11.37
C GLY A 246 17.35 -6.44 -12.27
N LEU A 247 17.50 -7.75 -12.07
CA LEU A 247 18.35 -8.55 -12.95
C LEU A 247 17.76 -8.62 -14.35
N VAL A 248 16.43 -8.70 -14.45
CA VAL A 248 15.78 -8.75 -15.76
C VAL A 248 15.95 -7.42 -16.48
N ALA A 249 15.75 -6.32 -15.77
CA ALA A 249 15.85 -5.00 -16.40
C ALA A 249 17.25 -4.75 -16.95
N ALA A 250 18.28 -5.14 -16.21
CA ALA A 250 19.66 -4.96 -16.65
C ALA A 250 20.08 -5.98 -17.70
N LYS A 251 19.20 -6.91 -18.07
CA LYS A 251 19.48 -7.92 -19.09
C LYS A 251 20.68 -8.80 -18.73
N VAL A 252 20.86 -9.07 -17.42
CA VAL A 252 21.91 -9.99 -17.00
C VAL A 252 21.38 -11.42 -16.84
N ILE A 253 20.07 -11.62 -16.84
CA ILE A 253 19.46 -12.95 -16.88
C ILE A 253 18.34 -12.91 -17.91
N PRO A 254 17.91 -14.07 -18.42
CA PRO A 254 16.84 -14.09 -19.40
C PRO A 254 15.57 -13.43 -18.88
N SER A 255 14.82 -12.82 -19.80
CA SER A 255 13.62 -12.07 -19.45
C SER A 255 12.38 -12.96 -19.55
N PRO A 256 11.52 -12.99 -18.53
CA PRO A 256 10.27 -13.75 -18.64
C PRO A 256 9.25 -13.09 -19.56
N PHE A 257 9.49 -11.85 -19.99
CA PHE A 257 8.56 -11.18 -20.89
C PHE A 257 8.50 -11.83 -22.26
N LYS A 258 9.47 -12.67 -22.60
CA LYS A 258 9.43 -13.38 -23.87
C LYS A 258 8.45 -14.54 -23.86
N HIS A 259 7.99 -14.97 -22.69
CA HIS A 259 7.13 -16.15 -22.58
C HIS A 259 5.86 -15.93 -21.77
N ALA A 260 5.78 -14.91 -20.92
CA ALA A 260 4.66 -14.76 -20.01
C ALA A 260 3.56 -13.89 -20.61
N ASP A 261 2.31 -14.20 -20.25
CA ASP A 261 1.19 -13.34 -20.59
C ASP A 261 1.14 -12.13 -19.67
N ILE A 262 1.29 -12.36 -18.37
CA ILE A 262 1.29 -11.31 -17.36
C ILE A 262 2.60 -11.40 -16.59
N VAL A 263 3.13 -10.24 -16.20
CA VAL A 263 4.33 -10.18 -15.36
C VAL A 263 4.04 -9.23 -14.21
N THR A 264 4.13 -9.76 -12.99
CA THR A 264 4.05 -8.95 -11.79
C THR A 264 5.44 -8.84 -11.15
N THR A 265 5.62 -7.77 -10.38
CA THR A 265 6.86 -7.60 -9.65
C THR A 265 6.65 -6.57 -8.55
N THR A 266 7.45 -6.70 -7.50
CA THR A 266 7.65 -5.59 -6.60
C THR A 266 8.49 -4.52 -7.29
N THR A 267 8.44 -3.31 -6.74
CA THR A 267 9.28 -2.24 -7.23
C THR A 267 10.54 -2.05 -6.40
N HIS A 268 10.60 -2.66 -5.22
CA HIS A 268 11.82 -2.68 -4.43
C HIS A 268 12.61 -3.93 -4.77
N LYS A 269 13.24 -4.53 -3.76
CA LYS A 269 14.11 -5.72 -3.95
C LYS A 269 15.19 -5.40 -4.98
N THR A 270 15.41 -6.23 -6.01
CA THR A 270 16.52 -5.97 -6.94
C THR A 270 16.31 -4.72 -7.77
N LEU A 271 15.07 -4.23 -7.84
CA LEU A 271 14.81 -2.98 -8.54
C LEU A 271 15.23 -1.76 -7.75
N ARG A 272 15.43 -1.92 -6.43
CA ARG A 272 16.02 -0.87 -5.58
C ARG A 272 15.16 0.38 -5.52
N GLY A 273 13.84 0.22 -5.59
CA GLY A 273 12.92 1.32 -5.50
C GLY A 273 12.14 1.35 -4.20
N ALA A 274 11.16 2.25 -4.16
CA ALA A 274 10.23 2.26 -3.04
C ALA A 274 9.31 1.05 -3.11
N ARG A 275 8.69 0.73 -1.98
CA ARG A 275 7.82 -0.43 -1.91
C ARG A 275 6.52 -0.16 -2.65
N SER A 276 6.30 -0.89 -3.73
CA SER A 276 5.11 -0.77 -4.57
C SER A 276 5.10 -1.99 -5.49
N GLY A 277 4.13 -2.01 -6.41
CA GLY A 277 3.99 -3.14 -7.31
C GLY A 277 3.71 -2.69 -8.73
N LEU A 278 3.92 -3.62 -9.66
CA LEU A 278 3.68 -3.39 -11.08
C LEU A 278 3.00 -4.61 -11.68
N ILE A 279 2.12 -4.37 -12.64
CA ILE A 279 1.48 -5.42 -13.42
C ILE A 279 1.74 -5.13 -14.89
N PHE A 280 2.61 -5.92 -15.52
CA PHE A 280 2.80 -5.87 -16.95
C PHE A 280 1.86 -6.86 -17.63
N TYR A 281 1.31 -6.46 -18.77
CA TYR A 281 0.35 -7.30 -19.47
C TYR A 281 0.52 -7.12 -20.97
N ARG A 282 0.30 -8.20 -21.72
CA ARG A 282 0.39 -8.14 -23.16
C ARG A 282 -0.83 -7.41 -23.74
N LYS A 283 -0.61 -6.67 -24.80
CA LYS A 283 -1.67 -6.03 -25.56
C LYS A 283 -1.40 -6.21 -27.04
N GLY A 284 -2.47 -6.23 -27.83
CA GLY A 284 -2.33 -6.46 -29.26
C GLY A 284 -2.99 -7.74 -29.71
N VAL A 285 -2.36 -8.44 -30.65
CA VAL A 285 -2.93 -9.64 -31.25
C VAL A 285 -2.48 -10.85 -30.46
N LYS A 286 -3.44 -11.63 -29.97
CA LYS A 286 -3.16 -12.85 -29.23
C LYS A 286 -2.94 -14.03 -30.17
N ILE A 296 -7.43 -12.49 -33.13
CA ILE A 296 -7.84 -12.50 -31.73
C ILE A 296 -6.98 -11.54 -30.91
N PRO A 297 -7.62 -10.56 -30.28
CA PRO A 297 -6.87 -9.58 -29.48
C PRO A 297 -6.71 -10.00 -28.03
N TYR A 298 -5.65 -9.48 -27.41
CA TYR A 298 -5.46 -9.64 -25.98
C TYR A 298 -6.49 -8.81 -25.23
N THR A 299 -7.00 -9.36 -24.13
CA THR A 299 -8.02 -8.70 -23.32
C THR A 299 -7.58 -8.58 -21.87
N PHE A 300 -6.29 -8.30 -21.66
CA PHE A 300 -5.76 -8.14 -20.31
C PHE A 300 -5.89 -6.71 -19.79
N GLU A 301 -5.72 -5.73 -20.68
CA GLU A 301 -5.58 -4.34 -20.25
C GLU A 301 -6.77 -3.87 -19.41
N ASP A 302 -7.97 -3.96 -19.97
CA ASP A 302 -9.15 -3.44 -19.27
C ASP A 302 -9.45 -4.25 -18.01
N ARG A 303 -9.26 -5.56 -18.07
CA ARG A 303 -9.54 -6.39 -16.90
C ARG A 303 -8.53 -6.15 -15.78
N ILE A 304 -7.25 -6.02 -16.13
CA ILE A 304 -6.23 -5.76 -15.12
C ILE A 304 -6.45 -4.41 -14.47
N ASN A 305 -6.69 -3.37 -15.28
CA ASN A 305 -6.87 -2.03 -14.74
C ASN A 305 -8.12 -1.94 -13.88
N PHE A 306 -9.22 -2.57 -14.34
CA PHE A 306 -10.46 -2.54 -13.57
C PHE A 306 -10.29 -3.27 -12.24
N ALA A 307 -9.47 -4.33 -12.22
CA ALA A 307 -9.27 -5.07 -10.98
C ALA A 307 -8.52 -4.24 -9.96
N VAL A 308 -7.47 -3.52 -10.39
CA VAL A 308 -6.73 -2.66 -9.47
C VAL A 308 -7.64 -1.58 -8.92
N PHE A 309 -8.30 -0.83 -9.80
CA PHE A 309 -9.32 0.13 -9.43
C PHE A 309 -10.43 0.05 -10.48
N PRO A 310 -11.70 0.04 -10.06
CA PRO A 310 -12.20 0.24 -8.70
C PRO A 310 -12.40 -1.03 -7.87
N SER A 311 -12.01 -2.18 -8.39
CA SER A 311 -12.38 -3.44 -7.74
C SER A 311 -11.68 -3.60 -6.38
N LEU A 312 -10.36 -3.49 -6.35
CA LEU A 312 -9.59 -3.84 -5.16
C LEU A 312 -9.09 -2.63 -4.38
N GLN A 313 -8.40 -1.71 -5.03
CA GLN A 313 -7.73 -0.62 -4.35
C GLN A 313 -8.57 0.65 -4.37
N GLY A 314 -8.14 1.63 -3.59
CA GLY A 314 -8.74 2.94 -3.60
C GLY A 314 -7.86 3.96 -4.29
N GLY A 315 -7.59 5.08 -3.64
CA GLY A 315 -6.71 6.09 -4.19
C GLY A 315 -5.30 5.58 -4.34
N PRO A 316 -4.68 5.86 -5.48
CA PRO A 316 -3.28 5.45 -5.68
C PRO A 316 -2.36 6.22 -4.75
N HIS A 317 -1.20 5.62 -4.50
CA HIS A 317 -0.15 6.26 -3.70
C HIS A 317 0.82 6.90 -4.69
N ASN A 318 0.51 8.14 -5.06
CA ASN A 318 1.29 8.83 -6.10
C ASN A 318 2.72 9.09 -5.64
N HIS A 319 2.94 9.28 -4.34
CA HIS A 319 4.31 9.44 -3.86
C HIS A 319 5.14 8.19 -4.09
N ALA A 320 4.52 7.02 -3.91
CA ALA A 320 5.22 5.78 -4.24
C ALA A 320 5.39 5.63 -5.75
N ILE A 321 4.38 6.01 -6.53
CA ILE A 321 4.46 5.92 -7.98
C ILE A 321 5.63 6.73 -8.50
N ALA A 322 5.82 7.94 -7.97
CA ALA A 322 6.93 8.78 -8.39
C ALA A 322 8.28 8.17 -7.99
N ALA A 323 8.36 7.68 -6.74
CA ALA A 323 9.59 7.02 -6.31
C ALA A 323 9.89 5.79 -7.16
N VAL A 324 8.85 5.09 -7.60
CA VAL A 324 9.04 3.97 -8.52
C VAL A 324 9.59 4.48 -9.85
N ALA A 325 9.05 5.59 -10.35
CA ALA A 325 9.52 6.15 -11.61
C ALA A 325 10.98 6.56 -11.52
N VAL A 326 11.38 7.12 -10.37
CA VAL A 326 12.79 7.47 -10.17
C VAL A 326 13.66 6.23 -10.23
N ALA A 327 13.21 5.14 -9.60
CA ALA A 327 13.99 3.91 -9.61
C ALA A 327 14.06 3.30 -10.99
N LEU A 328 12.95 3.34 -11.73
CA LEU A 328 12.94 2.76 -13.08
C LEU A 328 13.87 3.52 -14.01
N LYS A 329 13.98 4.83 -13.83
CA LYS A 329 14.95 5.61 -14.59
C LYS A 329 16.37 5.15 -14.28
N GLN A 330 16.67 4.90 -13.00
CA GLN A 330 17.98 4.39 -12.63
C GLN A 330 18.23 3.01 -13.20
N ALA A 331 17.17 2.20 -13.34
CA ALA A 331 17.33 0.84 -13.84
C ALA A 331 17.70 0.80 -15.32
N CYS A 332 17.50 1.90 -16.05
CA CYS A 332 17.85 1.96 -17.46
C CYS A 332 19.28 2.38 -17.72
N THR A 333 20.01 2.81 -16.69
CA THR A 333 21.33 3.37 -16.86
C THR A 333 22.39 2.28 -16.95
N PRO A 334 23.54 2.58 -17.57
CA PRO A 334 24.67 1.63 -17.50
C PRO A 334 25.11 1.34 -16.09
N MET A 335 24.89 2.27 -15.16
CA MET A 335 25.19 2.03 -13.75
C MET A 335 24.45 0.81 -13.23
N PHE A 336 23.17 0.68 -13.57
CA PHE A 336 22.37 -0.40 -13.02
C PHE A 336 22.75 -1.75 -13.61
N ARG A 337 23.19 -1.79 -14.88
CA ARG A 337 23.68 -3.04 -15.43
C ARG A 337 24.96 -3.47 -14.74
N GLU A 338 25.85 -2.52 -14.44
CA GLU A 338 27.05 -2.83 -13.67
C GLU A 338 26.69 -3.33 -12.28
N TYR A 339 25.70 -2.69 -11.65
CA TYR A 339 25.26 -3.12 -10.33
C TYR A 339 24.71 -4.54 -10.37
N SER A 340 23.84 -4.82 -11.34
CA SER A 340 23.22 -6.15 -11.42
C SER A 340 24.25 -7.21 -11.78
N LEU A 341 25.22 -6.88 -12.62
CA LEU A 341 26.29 -7.81 -12.91
C LEU A 341 27.10 -8.09 -11.65
N GLN A 342 27.37 -7.07 -10.85
CA GLN A 342 28.09 -7.27 -9.59
C GLN A 342 27.27 -8.07 -8.60
N VAL A 343 25.94 -7.92 -8.62
CA VAL A 343 25.08 -8.75 -7.78
C VAL A 343 25.28 -10.21 -8.10
N LEU A 344 25.33 -10.55 -9.40
CA LEU A 344 25.55 -11.93 -9.81
C LEU A 344 26.93 -12.42 -9.38
N LYS A 345 27.96 -11.60 -9.62
CA LYS A 345 29.32 -11.97 -9.22
C LYS A 345 29.42 -12.17 -7.71
N ASN A 346 28.79 -11.27 -6.94
CA ASN A 346 28.87 -11.36 -5.49
C ASN A 346 28.16 -12.61 -4.97
N ALA A 347 27.00 -12.93 -5.54
CA ALA A 347 26.29 -14.14 -5.12
C ALA A 347 27.08 -15.39 -5.49
N ARG A 348 27.73 -15.39 -6.67
CA ARG A 348 28.56 -16.53 -7.04
C ARG A 348 29.81 -16.61 -6.17
N ALA A 349 30.38 -15.46 -5.82
CA ALA A 349 31.53 -15.45 -4.92
C ALA A 349 31.13 -15.93 -3.53
N MET A 350 29.95 -15.53 -3.06
CA MET A 350 29.46 -16.02 -1.78
C MET A 350 29.18 -17.52 -1.83
N ALA A 351 28.61 -17.99 -2.94
CA ALA A 351 28.36 -19.42 -3.10
C ALA A 351 29.68 -20.19 -3.16
N ASP A 352 30.66 -19.70 -3.92
CA ASP A 352 31.95 -20.36 -4.01
C ASP A 352 32.64 -20.39 -2.65
N ALA A 353 32.60 -19.28 -1.92
CA ALA A 353 33.23 -19.23 -0.60
C ALA A 353 32.60 -20.24 0.34
N LEU A 354 31.26 -20.33 0.34
CA LEU A 354 30.59 -21.29 1.21
C LEU A 354 30.95 -22.71 0.84
N LEU A 355 31.07 -23.01 -0.46
CA LEU A 355 31.43 -24.36 -0.89
C LEU A 355 32.83 -24.73 -0.41
N GLU A 356 33.76 -23.77 -0.44
CA GLU A 356 35.13 -24.06 -0.02
C GLU A 356 35.21 -24.32 1.48
N ARG A 357 34.33 -23.71 2.27
N ARG A 357 34.34 -23.70 2.28
CA ARG A 357 34.28 -23.96 3.70
CA ARG A 357 34.31 -23.97 3.72
C ARG A 357 33.45 -25.19 4.06
C ARG A 357 33.59 -25.27 4.07
N GLY A 358 33.11 -26.01 3.08
CA GLY A 358 32.41 -27.26 3.34
C GLY A 358 30.92 -27.16 3.51
N TYR A 359 30.29 -26.09 3.02
CA TYR A 359 28.85 -25.94 3.06
C TYR A 359 28.23 -26.54 1.81
N SER A 360 26.98 -26.99 1.94
CA SER A 360 26.23 -27.53 0.83
C SER A 360 25.18 -26.52 0.39
N LEU A 361 25.00 -26.38 -0.91
CA LEU A 361 24.07 -25.41 -1.48
C LEU A 361 22.96 -26.15 -2.20
N VAL A 362 21.71 -25.75 -1.93
CA VAL A 362 20.59 -26.34 -2.64
C VAL A 362 20.72 -26.03 -4.12
N SER A 363 20.59 -27.06 -4.96
CA SER A 363 20.80 -27.01 -6.40
C SER A 363 22.25 -26.77 -6.79
N GLY A 364 23.19 -26.91 -5.85
CA GLY A 364 24.60 -26.92 -6.18
C GLY A 364 25.27 -25.54 -6.23
N GLY A 365 24.49 -24.51 -6.53
CA GLY A 365 25.04 -23.18 -6.65
C GLY A 365 23.97 -22.12 -6.87
N THR A 366 24.26 -21.13 -7.72
CA THR A 366 23.30 -20.07 -7.98
C THR A 366 23.53 -19.49 -9.36
N ASP A 367 22.45 -19.04 -9.97
CA ASP A 367 22.49 -18.30 -11.22
C ASP A 367 21.91 -16.90 -11.10
N ASN A 368 21.51 -16.49 -9.90
CA ASN A 368 20.93 -15.16 -9.72
C ASN A 368 21.55 -14.44 -8.51
N HIS A 369 20.71 -13.77 -7.73
CA HIS A 369 21.14 -12.86 -6.68
C HIS A 369 21.28 -13.52 -5.32
N LEU A 370 20.80 -14.74 -5.14
CA LEU A 370 20.75 -15.36 -3.82
C LEU A 370 21.41 -16.73 -3.83
N VAL A 371 21.71 -17.20 -2.63
CA VAL A 371 22.30 -18.52 -2.40
C VAL A 371 21.45 -19.24 -1.36
N LEU A 372 21.21 -20.54 -1.58
CA LEU A 372 20.45 -21.37 -0.66
C LEU A 372 21.41 -22.34 0.00
N VAL A 373 21.74 -22.09 1.27
CA VAL A 373 22.68 -22.91 2.02
C VAL A 373 21.91 -23.99 2.75
N ASP A 374 22.43 -25.21 2.71
CA ASP A 374 21.89 -26.33 3.48
C ASP A 374 22.86 -26.60 4.62
N LEU A 375 22.41 -26.33 5.85
CA LEU A 375 23.25 -26.41 7.04
C LEU A 375 23.12 -27.73 7.77
N ARG A 376 22.17 -28.58 7.39
CA ARG A 376 22.04 -29.89 8.03
C ARG A 376 23.31 -30.72 7.98
N PRO A 377 24.08 -30.77 6.87
CA PRO A 377 25.35 -31.52 6.92
C PRO A 377 26.32 -30.99 7.95
N LYS A 378 26.39 -29.68 8.14
CA LYS A 378 27.31 -29.12 9.13
C LYS A 378 26.82 -29.31 10.57
N GLY A 379 25.61 -29.84 10.76
CA GLY A 379 25.10 -30.12 12.08
C GLY A 379 24.33 -29.01 12.73
N LEU A 380 23.92 -28.00 11.98
CA LEU A 380 23.15 -26.88 12.51
C LEU A 380 21.92 -26.65 11.65
N ASP A 381 20.86 -26.13 12.25
CA ASP A 381 19.64 -25.81 11.53
C ASP A 381 19.59 -24.32 11.22
N GLY A 382 18.67 -23.96 10.32
CA GLY A 382 18.55 -22.57 9.93
C GLY A 382 18.04 -21.68 11.03
N ALA A 383 17.16 -22.20 11.90
CA ALA A 383 16.62 -21.41 12.99
C ALA A 383 17.70 -21.01 13.99
N ARG A 384 18.58 -21.95 14.33
CA ARG A 384 19.67 -21.63 15.26
C ARG A 384 20.69 -20.69 14.63
N ALA A 385 21.06 -20.95 13.37
CA ALA A 385 22.07 -20.12 12.71
C ALA A 385 21.53 -18.71 12.47
N GLU A 386 20.26 -18.58 12.09
CA GLU A 386 19.68 -17.26 11.85
C GLU A 386 19.67 -16.42 13.12
N ARG A 387 19.44 -17.06 14.27
CA ARG A 387 19.42 -16.31 15.53
C ARG A 387 20.83 -15.87 15.93
N VAL A 388 21.82 -16.74 15.77
CA VAL A 388 23.19 -16.38 16.10
C VAL A 388 23.68 -15.28 15.17
N LEU A 389 23.40 -15.41 13.87
CA LEU A 389 23.82 -14.40 12.91
C LEU A 389 23.14 -13.06 13.19
N GLU A 390 21.88 -13.10 13.63
CA GLU A 390 21.17 -11.85 13.91
C GLU A 390 21.83 -11.10 15.07
N LEU A 391 22.31 -11.82 16.08
CA LEU A 391 22.93 -11.18 17.23
C LEU A 391 24.31 -10.60 16.92
N VAL A 392 24.89 -10.94 15.76
CA VAL A 392 26.16 -10.34 15.35
C VAL A 392 25.92 -9.47 14.13
N SER A 393 24.69 -8.94 14.02
CA SER A 393 24.31 -7.97 12.99
C SER A 393 24.40 -8.53 11.58
N ILE A 394 24.17 -9.83 11.42
CA ILE A 394 24.12 -10.47 10.11
C ILE A 394 22.69 -10.96 9.92
N THR A 395 21.95 -10.30 9.02
CA THR A 395 20.54 -10.58 8.82
C THR A 395 20.38 -11.61 7.70
N ALA A 396 19.93 -12.81 8.08
CA ALA A 396 19.53 -13.82 7.11
C ALA A 396 18.22 -14.42 7.59
N ASN A 397 17.63 -15.29 6.76
CA ASN A 397 16.40 -15.96 7.14
C ASN A 397 16.53 -17.45 6.92
N LYS A 398 16.04 -18.23 7.89
CA LYS A 398 16.01 -19.68 7.75
C LYS A 398 15.19 -20.07 6.53
N ASN A 399 15.56 -21.19 5.92
CA ASN A 399 14.93 -21.63 4.69
C ASN A 399 14.79 -23.14 4.68
N THR A 400 13.61 -23.62 4.31
CA THR A 400 13.37 -25.06 4.26
C THR A 400 14.17 -25.68 3.11
N CYS A 401 14.87 -26.76 3.41
CA CYS A 401 15.55 -27.53 2.38
C CYS A 401 14.62 -28.61 1.83
N PRO A 402 14.83 -29.06 0.59
CA PRO A 402 13.92 -30.05 -0.01
C PRO A 402 13.77 -31.33 0.80
N GLY A 403 14.60 -31.57 1.80
CA GLY A 403 14.48 -32.77 2.62
C GLY A 403 13.43 -32.66 3.70
N ASP A 404 13.38 -31.52 4.40
CA ASP A 404 12.49 -31.35 5.53
C ASP A 404 11.03 -31.29 5.08
N ARG A 405 10.13 -31.20 6.05
CA ARG A 405 8.70 -31.07 5.77
C ARG A 405 8.18 -29.74 6.30
N SER A 406 8.73 -28.64 5.80
CA SER A 406 8.35 -27.29 6.22
C SER A 406 8.47 -27.11 7.73
N ILE A 408 8.98 -29.13 11.49
CA ILE A 408 10.41 -29.34 11.32
C ILE A 408 11.10 -28.01 11.11
N THR A 409 11.93 -27.60 12.07
CA THR A 409 12.70 -26.39 11.93
C THR A 409 13.64 -26.52 10.73
N PRO A 410 13.65 -25.55 9.82
CA PRO A 410 14.42 -25.71 8.58
C PRO A 410 15.92 -25.79 8.86
N GLY A 411 16.60 -26.60 8.04
CA GLY A 411 18.03 -26.76 8.17
C GLY A 411 18.80 -26.00 7.11
N GLY A 412 18.21 -24.91 6.61
CA GLY A 412 18.81 -24.16 5.53
C GLY A 412 18.79 -22.66 5.81
N LEU A 413 19.48 -21.93 4.95
CA LEU A 413 19.64 -20.49 5.07
C LEU A 413 19.59 -19.85 3.69
N ARG A 414 18.85 -18.76 3.57
CA ARG A 414 18.79 -17.99 2.33
C ARG A 414 19.64 -16.73 2.49
N LEU A 415 20.62 -16.56 1.61
CA LEU A 415 21.53 -15.42 1.65
C LEU A 415 21.41 -14.64 0.35
N GLY A 416 21.42 -13.32 0.46
CA GLY A 416 21.23 -12.46 -0.68
C GLY A 416 22.34 -11.44 -0.82
N ALA A 417 22.64 -11.11 -2.07
CA ALA A 417 23.67 -10.14 -2.44
C ALA A 417 23.19 -8.73 -2.79
N PRO A 418 21.92 -8.50 -3.20
CA PRO A 418 21.56 -7.15 -3.68
C PRO A 418 21.83 -6.03 -2.68
N ALA A 419 21.51 -6.23 -1.40
CA ALA A 419 21.59 -5.13 -0.44
C ALA A 419 23.03 -4.65 -0.26
N LEU A 420 23.95 -5.58 0.02
CA LEU A 420 25.33 -5.18 0.24
C LEU A 420 26.02 -4.75 -1.05
N THR A 421 25.60 -5.31 -2.19
CA THR A 421 26.15 -4.85 -3.46
C THR A 421 25.79 -3.39 -3.72
N SER A 422 24.60 -2.97 -3.28
CA SER A 422 24.24 -1.56 -3.36
C SER A 422 25.18 -0.70 -2.53
N ARG A 423 25.78 -1.28 -1.49
CA ARG A 423 26.78 -0.60 -0.67
C ARG A 423 28.19 -0.79 -1.20
N GLN A 424 28.33 -1.11 -2.49
CA GLN A 424 29.62 -1.24 -3.16
C GLN A 424 30.44 -2.41 -2.64
N PHE A 425 29.79 -3.42 -2.10
CA PHE A 425 30.46 -4.69 -1.83
C PHE A 425 30.88 -5.34 -3.14
N ARG A 426 32.08 -5.90 -3.15
CA ARG A 426 32.57 -6.70 -4.27
C ARG A 426 32.93 -8.11 -3.79
N GLU A 427 33.50 -8.91 -4.70
CA GLU A 427 33.66 -10.34 -4.45
C GLU A 427 34.44 -10.61 -3.17
N ASP A 428 35.57 -9.92 -2.98
CA ASP A 428 36.36 -10.14 -1.78
C ASP A 428 35.61 -9.75 -0.52
N ASP A 429 34.72 -8.75 -0.62
CA ASP A 429 33.93 -8.34 0.54
C ASP A 429 32.92 -9.41 0.92
N PHE A 430 32.35 -10.10 -0.06
CA PHE A 430 31.41 -11.18 0.24
C PHE A 430 32.12 -12.42 0.73
N ARG A 431 33.37 -12.64 0.32
CA ARG A 431 34.16 -13.71 0.91
C ARG A 431 34.44 -13.41 2.38
N ARG A 432 34.66 -12.14 2.71
CA ARG A 432 34.78 -11.74 4.11
C ARG A 432 33.46 -11.92 4.85
N VAL A 433 32.34 -11.71 4.17
CA VAL A 433 31.03 -11.95 4.77
C VAL A 433 30.88 -13.42 5.14
N VAL A 434 31.28 -14.32 4.24
CA VAL A 434 31.20 -15.75 4.51
C VAL A 434 32.10 -16.13 5.67
N ASP A 435 33.25 -15.46 5.81
CA ASP A 435 34.11 -15.68 6.96
C ASP A 435 33.37 -15.38 8.26
N PHE A 436 32.67 -14.24 8.29
CA PHE A 436 31.87 -13.91 9.47
C PHE A 436 30.75 -14.91 9.68
N ILE A 437 30.09 -15.34 8.60
CA ILE A 437 29.03 -16.33 8.71
C ILE A 437 29.55 -17.62 9.30
N ASP A 438 30.74 -18.05 8.86
CA ASP A 438 31.32 -19.30 9.36
C ASP A 438 31.58 -19.22 10.86
N GLU A 439 32.07 -18.07 11.34
CA GLU A 439 32.26 -17.90 12.78
C GLU A 439 30.95 -18.02 13.53
N GLY A 440 29.89 -17.40 13.01
CA GLY A 440 28.59 -17.50 13.66
C GLY A 440 28.07 -18.93 13.70
N VAL A 441 28.25 -19.67 12.61
CA VAL A 441 27.82 -21.07 12.58
C VAL A 441 28.59 -21.88 13.62
N ASN A 442 29.89 -21.64 13.72
CA ASN A 442 30.69 -22.37 14.71
C ASN A 442 30.29 -22.00 16.13
N ILE A 443 29.91 -20.75 16.37
CA ILE A 443 29.38 -20.38 17.68
C ILE A 443 28.08 -21.13 17.96
N GLY A 444 27.20 -21.18 16.96
CA GLY A 444 25.95 -21.91 17.14
C GLY A 444 26.17 -23.39 17.36
N LEU A 445 27.19 -23.98 16.73
CA LEU A 445 27.48 -25.38 16.93
C LEU A 445 27.89 -25.68 18.37
N GLU A 446 28.69 -24.80 18.96
CA GLU A 446 29.12 -25.00 20.35
C GLU A 446 27.97 -24.82 21.32
N VAL A 447 27.09 -23.84 21.05
CA VAL A 447 25.92 -23.65 21.89
C VAL A 447 24.96 -24.83 21.74
N LYS A 448 24.88 -25.42 20.55
CA LYS A 448 24.02 -26.58 20.34
C LYS A 448 24.47 -27.75 21.22
N SER A 449 25.77 -27.94 21.37
CA SER A 449 26.28 -29.02 22.20
C SER A 449 26.02 -28.79 23.68
N LYS A 450 25.73 -27.56 24.08
CA LYS A 450 25.48 -27.23 25.48
C LYS A 450 24.01 -26.97 25.78
N THR A 451 23.12 -27.15 24.81
CA THR A 451 21.71 -26.87 25.01
C THR A 451 20.86 -28.00 24.42
N ALA A 452 19.59 -28.00 24.80
CA ALA A 452 18.66 -29.04 24.36
C ALA A 452 17.69 -28.49 23.32
N LYS A 453 16.60 -27.87 23.78
CA LYS A 453 15.58 -27.35 22.88
C LYS A 453 16.06 -26.05 22.23
N LEU A 454 15.28 -25.58 21.25
CA LEU A 454 15.61 -24.33 20.57
C LEU A 454 15.52 -23.14 21.51
N GLN A 455 14.55 -23.17 22.44
CA GLN A 455 14.42 -22.09 23.40
C GLN A 455 15.61 -22.05 24.35
N ASP A 456 16.16 -23.21 24.70
CA ASP A 456 17.38 -23.24 25.50
C ASP A 456 18.56 -22.69 24.71
N PHE A 457 18.58 -22.95 23.40
CA PHE A 457 19.62 -22.39 22.54
C PHE A 457 19.54 -20.87 22.52
N LYS A 458 18.34 -20.32 22.28
CA LYS A 458 18.17 -18.87 22.22
C LYS A 458 18.49 -18.22 23.55
N SER A 459 18.06 -18.84 24.66
CA SER A 459 18.32 -18.26 25.97
C SER A 459 19.81 -18.33 26.32
N PHE A 460 20.50 -19.38 25.88
CA PHE A 460 21.93 -19.51 26.16
C PHE A 460 22.75 -18.42 25.50
N LEU A 461 22.32 -17.93 24.33
CA LEU A 461 23.05 -16.88 23.63
C LEU A 461 23.01 -15.56 24.38
N LEU A 462 22.07 -15.38 25.31
CA LEU A 462 21.95 -14.16 26.09
C LEU A 462 22.37 -14.32 27.54
N LYS A 463 22.11 -15.48 28.14
CA LYS A 463 22.40 -15.67 29.56
C LYS A 463 23.85 -16.06 29.81
N ASP A 464 24.38 -16.96 28.98
CA ASP A 464 25.75 -17.43 29.17
C ASP A 464 26.74 -16.30 28.92
N SER A 465 27.69 -16.13 29.84
CA SER A 465 28.60 -15.00 29.77
C SER A 465 29.61 -15.16 28.64
N GLU A 466 30.27 -16.32 28.57
CA GLU A 466 31.31 -16.49 27.55
C GLU A 466 30.71 -16.49 26.15
N THR A 467 29.52 -17.05 25.97
CA THR A 467 28.85 -16.96 24.68
C THR A 467 28.45 -15.53 24.38
N SER A 468 28.03 -14.77 25.40
CA SER A 468 27.63 -13.39 25.19
C SER A 468 28.78 -12.54 24.68
N GLN A 469 29.95 -12.62 25.33
CA GLN A 469 31.08 -11.81 24.92
C GLN A 469 31.68 -12.30 23.60
N ARG A 470 31.62 -13.61 23.34
CA ARG A 470 32.10 -14.12 22.06
C ARG A 470 31.22 -13.63 20.92
N LEU A 471 29.91 -13.53 21.16
CA LEU A 471 29.03 -12.93 20.16
C LEU A 471 29.25 -11.42 20.07
N ALA A 472 29.53 -10.78 21.20
CA ALA A 472 29.76 -9.33 21.20
C ALA A 472 31.02 -8.98 20.41
N ASN A 473 32.07 -9.79 20.52
CA ASN A 473 33.28 -9.53 19.76
C ASN A 473 33.03 -9.69 18.26
N LEU A 474 32.34 -10.76 17.87
CA LEU A 474 32.04 -10.95 16.45
C LEU A 474 31.11 -9.86 15.94
N ARG A 475 30.11 -9.48 16.75
CA ARG A 475 29.22 -8.39 16.36
C ARG A 475 29.99 -7.11 16.12
N GLN A 476 30.93 -6.79 17.02
CA GLN A 476 31.73 -5.58 16.86
C GLN A 476 32.56 -5.64 15.58
N ARG A 477 33.20 -6.79 15.31
CA ARG A 477 34.00 -6.92 14.09
C ARG A 477 33.13 -6.83 12.84
N VAL A 478 31.91 -7.37 12.91
CA VAL A 478 31.00 -7.31 11.77
C VAL A 478 30.62 -5.86 11.48
N GLU A 479 30.32 -5.10 12.53
CA GLU A 479 29.77 -3.76 12.34
C GLU A 479 30.82 -2.77 11.86
N GLN A 480 32.05 -2.85 12.37
CA GLN A 480 33.12 -2.01 11.86
C GLN A 480 33.35 -2.24 10.38
N PHE A 481 33.30 -3.51 9.96
CA PHE A 481 33.46 -3.83 8.54
C PHE A 481 32.33 -3.24 7.72
N ALA A 482 31.10 -3.34 8.22
CA ALA A 482 29.95 -2.89 7.43
C ALA A 482 29.83 -1.37 7.43
N ARG A 483 30.17 -0.72 8.54
CA ARG A 483 30.01 0.73 8.64
C ARG A 483 30.88 1.46 7.62
N ALA A 484 32.01 0.88 7.23
CA ALA A 484 32.94 1.55 6.33
C ALA A 484 32.40 1.67 4.91
N PHE A 485 31.39 0.90 4.56
CA PHE A 485 30.88 0.98 3.20
C PHE A 485 29.81 2.06 3.09
N PRO A 486 29.71 2.70 1.93
CA PRO A 486 28.68 3.73 1.73
C PRO A 486 27.28 3.13 1.82
N MET A 487 26.31 3.98 2.07
CA MET A 487 24.92 3.56 2.25
C MET A 487 24.01 4.48 1.43
N PRO A 488 23.21 3.95 0.52
CA PRO A 488 22.25 4.80 -0.20
C PRO A 488 21.20 5.37 0.75
N GLY A 489 20.65 6.50 0.36
CA GLY A 489 19.62 7.18 1.13
C GLY A 489 20.11 8.47 1.76
N PHE A 490 19.39 8.90 2.78
CA PHE A 490 19.77 10.08 3.53
C PHE A 490 20.88 9.75 4.53
N ASP A 491 21.44 10.80 5.14
CA ASP A 491 22.52 10.61 6.10
C ASP A 491 22.00 10.19 7.47
N GLU A 492 20.98 10.88 7.97
CA GLU A 492 20.51 10.67 9.34
C GLU A 492 19.30 9.75 9.43
N HIS A 493 18.55 9.56 8.34
CA HIS A 493 17.30 8.81 8.42
C HIS A 493 16.99 8.07 7.13
N TRP B 32 28.45 5.39 -8.14
CA TRP B 32 27.07 5.59 -7.73
C TRP B 32 26.88 5.24 -6.25
N THR B 33 26.36 6.19 -5.48
CA THR B 33 26.19 6.02 -4.06
C THR B 33 24.74 5.91 -3.60
N GLY B 34 23.78 6.36 -4.42
CA GLY B 34 22.41 6.43 -3.98
C GLY B 34 22.12 7.56 -3.03
N GLN B 35 23.04 8.52 -2.88
CA GLN B 35 22.87 9.66 -2.00
C GLN B 35 22.72 10.97 -2.75
N GLU B 36 22.73 10.94 -4.08
CA GLU B 36 22.50 12.13 -4.87
C GLU B 36 21.06 12.60 -4.70
N SER B 37 20.87 13.92 -4.74
CA SER B 37 19.54 14.49 -4.58
C SER B 37 18.66 14.18 -5.78
N LEU B 38 17.35 14.28 -5.56
CA LEU B 38 16.40 14.04 -6.65
C LEU B 38 16.52 15.12 -7.72
N SER B 39 16.75 16.37 -7.33
CA SER B 39 16.89 17.44 -8.30
C SER B 39 18.16 17.30 -9.13
N ASP B 40 19.20 16.69 -8.57
CA ASP B 40 20.44 16.50 -9.31
C ASP B 40 20.37 15.30 -10.24
N SER B 41 19.80 14.19 -9.77
CA SER B 41 19.85 12.93 -10.50
C SER B 41 18.66 12.71 -11.43
N ASP B 42 17.51 13.34 -11.17
CA ASP B 42 16.32 13.18 -12.00
C ASP B 42 15.60 14.51 -12.09
N PRO B 43 16.10 15.44 -12.90
CA PRO B 43 15.45 16.75 -13.02
C PRO B 43 14.04 16.69 -13.59
N GLU B 44 13.75 15.70 -14.44
CA GLU B 44 12.41 15.57 -14.98
C GLU B 44 11.39 15.27 -13.90
N MET B 45 11.72 14.35 -13.00
CA MET B 45 10.81 14.04 -11.89
C MET B 45 10.77 15.17 -10.88
N TRP B 46 11.90 15.83 -10.63
CA TRP B 46 11.92 16.95 -9.70
C TRP B 46 11.03 18.09 -10.19
N GLU B 47 11.05 18.35 -11.50
CA GLU B 47 10.17 19.39 -12.06
C GLU B 47 8.71 19.03 -11.84
N LEU B 48 8.36 17.75 -12.06
CA LEU B 48 6.97 17.33 -11.84
C LEU B 48 6.57 17.46 -10.39
N LEU B 49 7.49 17.16 -9.47
CA LEU B 49 7.20 17.31 -8.05
C LEU B 49 6.94 18.77 -7.70
N GLN B 50 7.73 19.69 -8.28
CA GLN B 50 7.53 21.11 -8.00
C GLN B 50 6.22 21.61 -8.61
N ARG B 51 5.89 21.16 -9.83
CA ARG B 51 4.66 21.58 -10.48
C ARG B 51 3.44 21.15 -9.68
N GLU B 52 3.48 19.92 -9.15
CA GLU B 52 2.37 19.46 -8.32
C GLU B 52 2.31 20.24 -7.01
N LYS B 53 3.47 20.54 -6.43
CA LYS B 53 3.50 21.36 -5.22
C LYS B 53 2.95 22.76 -5.51
N ASP B 54 3.31 23.32 -6.67
CA ASP B 54 2.77 24.64 -7.04
C ASP B 54 1.28 24.57 -7.31
N ARG B 55 0.81 23.46 -7.89
CA ARG B 55 -0.62 23.30 -8.12
C ARG B 55 -1.39 23.20 -6.81
N GLN B 56 -0.86 22.47 -5.83
CA GLN B 56 -1.51 22.37 -4.54
C GLN B 56 -1.52 23.70 -3.81
N CYS B 57 -0.43 24.48 -3.94
CA CYS B 57 -0.33 25.74 -3.22
C CYS B 57 -1.26 26.80 -3.81
N ARG B 58 -1.39 26.82 -5.14
CA ARG B 58 -2.16 27.86 -5.81
C ARG B 58 -3.64 27.53 -5.92
N GLY B 59 -4.06 26.30 -5.61
CA GLY B 59 -5.43 25.89 -5.78
C GLY B 59 -6.23 25.90 -4.50
N LEU B 60 -7.55 25.90 -4.65
CA LEU B 60 -8.49 25.78 -3.54
C LEU B 60 -8.96 24.34 -3.47
N GLU B 61 -8.31 23.55 -2.64
CA GLU B 61 -8.60 22.12 -2.52
C GLU B 61 -9.87 21.93 -1.71
N LEU B 62 -10.94 21.47 -2.37
CA LEU B 62 -12.23 21.29 -1.72
C LEU B 62 -12.71 19.84 -1.75
N ILE B 63 -11.89 18.91 -2.23
CA ILE B 63 -12.25 17.49 -2.17
C ILE B 63 -12.25 17.06 -0.71
N ALA B 64 -13.40 16.53 -0.26
CA ALA B 64 -13.57 16.22 1.16
C ALA B 64 -12.61 15.14 1.65
N SER B 65 -12.06 14.33 0.76
CA SER B 65 -11.13 13.28 1.14
C SER B 65 -9.68 13.73 1.10
N GLU B 66 -9.41 14.99 0.77
CA GLU B 66 -8.06 15.48 0.62
C GLU B 66 -7.58 16.18 1.89
N ASN B 67 -6.27 16.21 2.07
CA ASN B 67 -5.63 16.94 3.14
C ASN B 67 -4.17 17.13 2.78
N PHE B 68 -3.47 17.92 3.58
CA PHE B 68 -2.07 18.26 3.33
C PHE B 68 -1.24 17.73 4.50
N CYS B 69 -0.41 16.73 4.21
CA CYS B 69 0.36 16.07 5.25
C CYS B 69 1.46 16.97 5.79
N SER B 70 1.75 16.82 7.07
CA SER B 70 2.80 17.62 7.70
C SER B 70 4.16 17.18 7.20
N ARG B 71 5.13 18.11 7.27
CA ARG B 71 6.50 17.79 6.86
C ARG B 71 7.10 16.71 7.75
N ALA B 72 6.74 16.71 9.05
CA ALA B 72 7.29 15.71 9.97
C ALA B 72 6.94 14.30 9.54
N ALA B 73 5.69 14.09 9.10
CA ALA B 73 5.28 12.76 8.67
C ALA B 73 5.89 12.40 7.32
N LEU B 74 6.01 13.39 6.42
CA LEU B 74 6.62 13.13 5.12
C LEU B 74 8.08 12.76 5.25
N GLU B 75 8.78 13.33 6.23
CA GLU B 75 10.17 12.95 6.46
C GLU B 75 10.28 11.50 6.90
N ALA B 76 9.28 11.00 7.64
CA ALA B 76 9.25 9.59 7.99
C ALA B 76 8.75 8.72 6.84
N LEU B 77 7.87 9.27 6.00
CA LEU B 77 7.34 8.50 4.87
C LEU B 77 8.43 8.20 3.85
N GLY B 78 9.32 9.16 3.59
CA GLY B 78 10.44 8.92 2.71
C GLY B 78 11.73 8.72 3.48
N SER B 79 11.80 7.63 4.23
CA SER B 79 12.93 7.35 5.11
C SER B 79 13.50 5.97 4.81
N CYS B 80 14.56 5.62 5.53
CA CYS B 80 15.21 4.32 5.38
C CYS B 80 14.33 3.17 5.85
N LEU B 81 13.20 3.44 6.50
CA LEU B 81 12.29 2.38 6.91
C LEU B 81 11.70 1.64 5.72
N ASN B 82 11.80 2.22 4.53
CA ASN B 82 11.44 1.50 3.30
C ASN B 82 12.34 0.30 3.07
N ASN B 83 13.53 0.27 3.67
CA ASN B 83 14.53 -0.76 3.41
C ASN B 83 14.47 -1.91 4.41
N LYS B 84 13.34 -2.13 5.08
CA LYS B 84 13.24 -3.16 6.11
C LYS B 84 12.03 -4.04 5.84
N TYR B 85 12.28 -5.31 5.55
CA TYR B 85 11.22 -6.31 5.48
C TYR B 85 10.94 -6.83 6.89
N SER B 86 9.72 -6.61 7.37
CA SER B 86 9.33 -7.02 8.72
C SER B 86 7.98 -7.74 8.68
N GLU B 87 7.89 -8.74 7.80
CA GLU B 87 6.68 -9.55 7.73
C GLU B 87 6.41 -10.21 9.07
N GLY B 88 5.15 -10.22 9.47
CA GLY B 88 4.77 -10.68 10.79
C GLY B 88 4.34 -9.52 11.66
N TYR B 89 4.57 -9.63 12.96
CA TYR B 89 4.15 -8.62 13.93
C TYR B 89 5.22 -8.51 15.00
N PRO B 90 5.22 -7.42 15.78
CA PRO B 90 6.25 -7.27 16.82
C PRO B 90 6.35 -8.49 17.72
N GLY B 91 7.58 -8.94 17.94
CA GLY B 91 7.83 -10.15 18.70
C GLY B 91 7.65 -11.44 17.94
N LYS B 92 6.89 -11.44 16.84
CA LYS B 92 6.69 -12.61 16.00
C LYS B 92 6.95 -12.21 14.55
N ARG B 93 8.21 -11.96 14.24
CA ARG B 93 8.64 -11.68 12.88
C ARG B 93 9.17 -12.96 12.25
N TYR B 94 9.29 -12.95 10.93
CA TYR B 94 9.90 -14.07 10.23
C TYR B 94 11.40 -13.89 10.05
N TYR B 95 11.85 -12.65 9.98
CA TYR B 95 13.27 -12.32 9.92
C TYR B 95 13.71 -11.73 11.25
N GLY B 96 15.03 -11.60 11.40
CA GLY B 96 15.61 -10.84 12.48
C GLY B 96 15.85 -9.40 12.07
N GLY B 97 16.57 -8.68 12.92
CA GLY B 97 16.87 -7.29 12.65
C GLY B 97 15.69 -6.35 12.70
N ALA B 98 14.55 -6.78 13.24
CA ALA B 98 13.35 -5.97 13.30
C ALA B 98 13.20 -5.26 14.64
N GLU B 99 14.29 -5.13 15.41
CA GLU B 99 14.17 -4.59 16.75
C GLU B 99 13.66 -3.15 16.76
N VAL B 100 14.07 -2.35 15.77
CA VAL B 100 13.65 -0.95 15.76
C VAL B 100 12.26 -0.80 15.16
N VAL B 101 11.96 -1.52 14.07
CA VAL B 101 10.63 -1.43 13.49
C VAL B 101 9.58 -2.02 14.41
N ASP B 102 9.97 -2.95 15.29
CA ASP B 102 9.04 -3.44 16.31
C ASP B 102 8.65 -2.31 17.27
N GLU B 103 9.63 -1.51 17.70
CA GLU B 103 9.33 -0.35 18.53
C GLU B 103 8.44 0.64 17.78
N ILE B 104 8.70 0.83 16.49
CA ILE B 104 7.93 1.79 15.71
C ILE B 104 6.50 1.32 15.50
N GLU B 105 6.33 0.03 15.19
CA GLU B 105 4.98 -0.51 15.02
C GLU B 105 4.23 -0.50 16.35
N LEU B 106 4.90 -0.87 17.45
CA LEU B 106 4.24 -0.85 18.74
C LEU B 106 3.90 0.58 19.17
N LEU B 107 4.79 1.52 18.90
CA LEU B 107 4.51 2.92 19.21
C LEU B 107 3.34 3.43 18.37
N CYS B 108 3.28 3.04 17.10
CA CYS B 108 2.15 3.42 16.26
C CYS B 108 0.84 2.86 16.81
N GLN B 109 0.87 1.64 17.34
CA GLN B 109 -0.31 1.06 17.95
C GLN B 109 -0.73 1.84 19.19
N ARG B 110 0.22 2.12 20.09
CA ARG B 110 -0.08 2.88 21.29
C ARG B 110 -0.58 4.28 20.95
N ARG B 111 0.06 4.94 19.98
CA ARG B 111 -0.40 6.26 19.57
C ARG B 111 -1.76 6.20 18.89
N ALA B 112 -2.08 5.07 18.24
CA ALA B 112 -3.41 4.91 17.64
C ALA B 112 -4.47 4.76 18.72
N LEU B 113 -4.21 3.91 19.72
CA LEU B 113 -5.17 3.72 20.80
C LEU B 113 -5.36 5.00 21.61
N GLU B 114 -4.29 5.77 21.80
CA GLU B 114 -4.40 7.01 22.56
C GLU B 114 -5.15 8.08 21.77
N ALA B 115 -4.87 8.17 20.47
CA ALA B 115 -5.49 9.21 19.65
C ALA B 115 -7.01 9.12 19.67
N PHE B 116 -7.55 7.91 19.75
CA PHE B 116 -9.00 7.71 19.81
C PHE B 116 -9.46 7.32 21.21
N ASP B 117 -8.61 7.54 22.21
CA ASP B 117 -8.98 7.40 23.63
C ASP B 117 -9.56 6.02 23.92
N LEU B 118 -8.78 4.98 23.59
CA LEU B 118 -9.20 3.61 23.75
C LEU B 118 -8.38 2.94 24.85
N ASP B 119 -9.05 2.13 25.66
CA ASP B 119 -8.37 1.33 26.67
C ASP B 119 -7.64 0.18 25.99
N PRO B 120 -6.32 0.07 26.14
CA PRO B 120 -5.60 -1.05 25.52
C PRO B 120 -6.08 -2.42 25.96
N ALA B 121 -6.79 -2.50 27.08
CA ALA B 121 -7.36 -3.78 27.52
C ALA B 121 -8.63 -4.13 26.75
N GLN B 122 -9.28 -3.15 26.13
CA GLN B 122 -10.53 -3.38 25.41
C GLN B 122 -10.41 -3.21 23.90
N TRP B 123 -9.33 -2.58 23.42
CA TRP B 123 -9.17 -2.33 22.00
C TRP B 123 -7.74 -2.64 21.57
N GLY B 124 -7.62 -3.28 20.41
CA GLY B 124 -6.36 -3.42 19.73
C GLY B 124 -6.42 -2.74 18.37
N VAL B 125 -5.29 -2.67 17.70
CA VAL B 125 -5.23 -1.99 16.41
C VAL B 125 -4.14 -2.64 15.55
N ASN B 126 -4.45 -2.82 14.27
CA ASN B 126 -3.48 -3.25 13.27
C ASN B 126 -3.11 -2.03 12.43
N VAL B 127 -1.82 -1.73 12.36
CA VAL B 127 -1.32 -0.53 11.69
C VAL B 127 -0.65 -0.86 10.36
N GLN B 128 -0.81 -2.08 9.86
CA GLN B 128 -0.18 -2.52 8.63
C GLN B 128 -1.01 -2.42 7.34
N PRO B 129 -2.33 -2.19 7.37
CA PRO B 129 -3.05 -2.05 6.09
C PRO B 129 -2.45 -0.99 5.18
N TYR B 130 -2.26 -1.36 3.91
CA TYR B 130 -1.61 -0.48 2.96
C TYR B 130 -2.42 0.80 2.72
N SER B 131 -3.74 0.71 2.80
CA SER B 131 -4.60 1.88 2.61
C SER B 131 -5.96 1.57 3.25
N GLY B 132 -6.94 2.42 2.97
CA GLY B 132 -8.27 2.20 3.52
C GLY B 132 -8.97 1.00 2.91
N SER B 133 -8.88 0.84 1.60
CA SER B 133 -9.48 -0.32 0.94
C SER B 133 -8.87 -1.64 1.41
N PRO B 134 -7.55 -1.79 1.51
CA PRO B 134 -7.02 -3.03 2.10
C PRO B 134 -7.48 -3.27 3.53
N ALA B 135 -7.67 -2.22 4.31
CA ALA B 135 -8.15 -2.40 5.68
C ALA B 135 -9.53 -3.03 5.71
N ASN B 136 -10.42 -2.61 4.81
CA ASN B 136 -11.75 -3.17 4.77
C ASN B 136 -11.74 -4.62 4.29
N LEU B 137 -10.98 -4.91 3.23
CA LEU B 137 -10.90 -6.27 2.73
C LEU B 137 -10.31 -7.22 3.76
N ALA B 138 -9.39 -6.73 4.59
CA ALA B 138 -8.83 -7.57 5.64
C ALA B 138 -9.88 -7.94 6.69
N VAL B 139 -10.77 -7.00 7.01
CA VAL B 139 -11.82 -7.29 7.97
C VAL B 139 -12.78 -8.33 7.44
N TYR B 140 -13.19 -8.21 6.17
CA TYR B 140 -14.08 -9.20 5.58
C TYR B 140 -13.42 -10.56 5.51
N THR B 141 -12.15 -10.62 5.10
CA THR B 141 -11.43 -11.88 5.05
C THR B 141 -11.25 -12.48 6.45
N ALA B 142 -11.11 -11.63 7.46
CA ALA B 142 -10.86 -12.12 8.81
C ALA B 142 -12.12 -12.71 9.43
N LEU B 143 -13.26 -12.07 9.21
CA LEU B 143 -14.49 -12.40 9.93
C LEU B 143 -15.50 -13.19 9.10
N LEU B 144 -15.35 -13.24 7.79
CA LEU B 144 -16.35 -13.84 6.92
C LEU B 144 -15.73 -14.92 6.05
N GLN B 145 -16.55 -15.91 5.70
CA GLN B 145 -16.22 -16.84 4.65
C GLN B 145 -16.58 -16.24 3.31
N PRO B 146 -15.97 -16.70 2.22
CA PRO B 146 -16.34 -16.21 0.89
C PRO B 146 -17.84 -16.36 0.64
N HIS B 147 -18.42 -15.33 0.03
CA HIS B 147 -19.83 -15.21 -0.30
C HIS B 147 -20.71 -14.99 0.93
N ASP B 148 -20.13 -14.71 2.08
CA ASP B 148 -20.93 -14.27 3.23
C ASP B 148 -21.51 -12.89 2.94
N ARG B 149 -22.56 -12.55 3.69
CA ARG B 149 -23.39 -11.41 3.31
C ARG B 149 -22.98 -10.14 4.04
N ILE B 150 -22.99 -9.03 3.29
CA ILE B 150 -22.49 -7.74 3.73
C ILE B 150 -23.51 -6.67 3.35
N MET B 151 -23.74 -5.72 4.25
CA MET B 151 -24.64 -4.61 4.00
C MET B 151 -23.91 -3.29 4.22
N GLY B 152 -23.92 -2.44 3.20
CA GLY B 152 -23.34 -1.12 3.32
C GLY B 152 -24.19 -0.10 2.57
N LEU B 153 -23.95 1.17 2.89
CA LEU B 153 -24.65 2.24 2.20
C LEU B 153 -24.27 2.24 0.73
N ASP B 154 -25.28 2.35 -0.13
CA ASP B 154 -25.04 2.31 -1.57
C ASP B 154 -24.12 3.46 -1.99
N LEU B 155 -23.33 3.20 -3.03
CA LEU B 155 -22.35 4.19 -3.48
C LEU B 155 -22.99 5.50 -3.95
N PRO B 156 -24.04 5.49 -4.79
CA PRO B 156 -24.69 6.77 -5.12
C PRO B 156 -25.35 7.43 -3.93
N ASP B 157 -25.66 6.68 -2.87
CA ASP B 157 -26.26 7.23 -1.67
C ASP B 157 -25.23 7.73 -0.67
N GLY B 158 -23.93 7.66 -1.00
CA GLY B 158 -22.89 8.16 -0.13
C GLY B 158 -21.94 7.11 0.41
N GLY B 159 -22.13 5.84 0.05
CA GLY B 159 -21.23 4.79 0.51
C GLY B 159 -19.94 4.76 -0.28
N HIS B 160 -19.04 3.88 0.17
CA HIS B 160 -17.77 3.68 -0.51
C HIS B 160 -17.81 2.39 -1.32
N LEU B 161 -16.90 2.32 -2.30
CA LEU B 161 -16.79 1.12 -3.13
C LEU B 161 -16.61 -0.13 -2.28
N THR B 162 -15.67 -0.09 -1.33
CA THR B 162 -15.33 -1.22 -0.47
C THR B 162 -16.44 -1.59 0.50
N HIS B 163 -17.62 -0.99 0.44
CA HIS B 163 -18.75 -1.41 1.25
C HIS B 163 -19.68 -2.37 0.52
N GLY B 164 -19.37 -2.73 -0.72
CA GLY B 164 -20.16 -3.71 -1.43
C GLY B 164 -20.96 -3.13 -2.57
N TYR B 165 -20.29 -2.47 -3.51
CA TYR B 165 -20.96 -1.84 -4.63
C TYR B 165 -20.88 -2.75 -5.85
N MET B 166 -22.03 -3.22 -6.32
CA MET B 166 -22.16 -3.86 -7.60
C MET B 166 -23.31 -3.20 -8.35
N SER B 167 -23.12 -2.96 -9.64
CA SER B 167 -24.15 -2.31 -10.44
C SER B 167 -25.24 -3.30 -10.82
N ASP B 168 -25.92 -3.04 -11.93
CA ASP B 168 -26.96 -3.94 -12.44
C ASP B 168 -26.46 -4.81 -13.57
N VAL B 169 -25.23 -4.62 -14.04
CA VAL B 169 -24.68 -5.44 -15.11
C VAL B 169 -23.38 -6.13 -14.73
N LYS B 170 -22.65 -5.66 -13.71
CA LYS B 170 -21.41 -6.30 -13.32
C LYS B 170 -21.08 -5.96 -11.88
N ARG B 171 -20.32 -6.84 -11.24
CA ARG B 171 -19.81 -6.60 -9.90
C ARG B 171 -18.62 -5.67 -9.98
N ILE B 172 -18.69 -4.53 -9.28
CA ILE B 172 -17.68 -3.49 -9.40
C ILE B 172 -16.55 -3.73 -8.41
N SER B 173 -16.85 -3.58 -7.12
CA SER B 173 -15.84 -3.77 -6.09
C SER B 173 -15.62 -5.24 -5.80
N ALA B 174 -14.37 -5.57 -5.44
CA ALA B 174 -14.07 -6.92 -4.99
C ALA B 174 -14.87 -7.29 -3.76
N THR B 175 -15.41 -6.30 -3.03
CA THR B 175 -16.31 -6.61 -1.93
C THR B 175 -17.53 -7.38 -2.45
N SER B 176 -18.00 -7.05 -3.65
CA SER B 176 -19.17 -7.69 -4.23
C SER B 176 -18.85 -8.98 -4.96
N ILE B 177 -17.57 -9.27 -5.21
CA ILE B 177 -17.16 -10.48 -5.90
C ILE B 177 -16.94 -11.59 -4.87
N PHE B 178 -16.03 -11.35 -3.93
CA PHE B 178 -15.69 -12.35 -2.93
C PHE B 178 -16.73 -12.48 -1.83
N PHE B 179 -17.67 -11.53 -1.73
CA PHE B 179 -18.73 -11.58 -0.75
C PHE B 179 -20.02 -11.09 -1.38
N GLU B 180 -21.14 -11.43 -0.76
CA GLU B 180 -22.46 -11.08 -1.26
C GLU B 180 -22.94 -9.83 -0.53
N SER B 181 -23.06 -8.73 -1.27
CA SER B 181 -23.40 -7.44 -0.69
C SER B 181 -24.79 -6.99 -1.15
N MET B 182 -25.56 -6.41 -0.22
CA MET B 182 -26.82 -5.78 -0.54
C MET B 182 -26.79 -4.38 0.08
N PRO B 183 -27.09 -3.34 -0.70
CA PRO B 183 -27.00 -1.97 -0.17
C PRO B 183 -28.25 -1.56 0.58
N TYR B 184 -28.05 -0.73 1.60
CA TYR B 184 -29.14 0.01 2.21
C TYR B 184 -29.07 1.46 1.75
N LYS B 185 -30.24 2.08 1.62
CA LYS B 185 -30.37 3.34 0.92
C LYS B 185 -30.70 4.48 1.87
N LEU B 186 -30.56 5.70 1.36
CA LEU B 186 -31.02 6.89 2.05
C LEU B 186 -32.53 7.04 1.90
N ASN B 187 -33.11 7.84 2.78
CA ASN B 187 -34.48 8.29 2.60
C ASN B 187 -34.45 9.45 1.60
N PRO B 188 -34.99 9.28 0.40
CA PRO B 188 -34.89 10.34 -0.61
C PRO B 188 -35.61 11.63 -0.23
N LYS B 189 -36.50 11.58 0.76
CA LYS B 189 -37.20 12.78 1.20
C LYS B 189 -36.42 13.58 2.23
N THR B 190 -35.55 12.92 3.01
CA THR B 190 -34.79 13.59 4.05
C THR B 190 -33.29 13.64 3.77
N GLY B 191 -32.79 12.82 2.86
CA GLY B 191 -31.36 12.74 2.63
C GLY B 191 -30.58 11.99 3.70
N LEU B 192 -31.25 11.44 4.70
CA LEU B 192 -30.61 10.70 5.76
C LEU B 192 -30.73 9.21 5.53
N ILE B 193 -29.92 8.43 6.25
CA ILE B 193 -29.97 6.99 6.15
C ILE B 193 -31.31 6.49 6.65
N ASP B 194 -31.98 5.68 5.84
CA ASP B 194 -33.26 5.08 6.22
C ASP B 194 -32.96 3.91 7.15
N TYR B 195 -32.85 4.22 8.45
CA TYR B 195 -32.54 3.19 9.43
C TYR B 195 -33.69 2.18 9.56
N ASN B 196 -34.91 2.60 9.26
CA ASN B 196 -36.04 1.69 9.35
C ASN B 196 -36.02 0.67 8.20
N GLN B 197 -35.79 1.13 6.98
CA GLN B 197 -35.67 0.21 5.86
C GLN B 197 -34.44 -0.69 6.00
N LEU B 198 -33.36 -0.16 6.58
CA LEU B 198 -32.19 -1.00 6.86
C LEU B 198 -32.54 -2.12 7.82
N ALA B 199 -33.31 -1.80 8.88
CA ALA B 199 -33.71 -2.83 9.83
C ALA B 199 -34.62 -3.86 9.19
N LEU B 200 -35.51 -3.42 8.29
CA LEU B 200 -36.41 -4.35 7.63
C LEU B 200 -35.66 -5.27 6.68
N THR B 201 -34.79 -4.70 5.85
CA THR B 201 -34.09 -5.50 4.85
C THR B 201 -33.01 -6.37 5.48
N ALA B 202 -32.47 -5.94 6.63
CA ALA B 202 -31.46 -6.77 7.30
C ALA B 202 -32.06 -8.04 7.89
N ARG B 203 -33.33 -7.99 8.30
CA ARG B 203 -33.99 -9.19 8.80
C ARG B 203 -34.20 -10.20 7.70
N LEU B 204 -34.35 -9.75 6.46
CA LEU B 204 -34.54 -10.65 5.32
C LEU B 204 -33.21 -11.07 4.69
N PHE B 205 -32.30 -10.12 4.49
CA PHE B 205 -31.02 -10.44 3.89
C PHE B 205 -30.14 -11.25 4.84
N ARG B 206 -30.31 -11.06 6.14
CA ARG B 206 -29.50 -11.71 7.16
C ARG B 206 -28.00 -11.52 6.91
N PRO B 207 -27.51 -10.28 6.94
CA PRO B 207 -26.08 -10.06 6.72
C PRO B 207 -25.28 -10.53 7.93
N ARG B 208 -24.01 -10.87 7.67
CA ARG B 208 -23.08 -11.18 8.75
C ARG B 208 -22.30 -9.96 9.20
N LEU B 209 -22.26 -8.91 8.39
CA LEU B 209 -21.54 -7.69 8.71
C LEU B 209 -22.24 -6.51 8.05
N ILE B 210 -22.39 -5.43 8.81
CA ILE B 210 -22.97 -4.18 8.31
C ILE B 210 -21.95 -3.07 8.53
N ILE B 211 -21.73 -2.27 7.50
CA ILE B 211 -20.75 -1.19 7.55
C ILE B 211 -21.47 0.12 7.83
N ALA B 212 -21.13 0.75 8.95
CA ALA B 212 -21.60 2.10 9.30
C ALA B 212 -20.45 3.05 8.98
N GLY B 213 -20.43 3.54 7.75
CA GLY B 213 -19.39 4.43 7.29
C GLY B 213 -19.74 5.02 5.94
N THR B 214 -19.26 6.23 5.65
CA THR B 214 -19.69 6.96 4.47
C THR B 214 -18.51 7.59 3.76
N SER B 215 -18.71 7.88 2.47
CA SER B 215 -17.79 8.68 1.68
C SER B 215 -18.36 10.04 1.30
N ALA B 216 -19.69 10.17 1.27
CA ALA B 216 -20.33 11.45 0.93
C ALA B 216 -21.64 11.52 1.73
N TYR B 217 -21.53 12.04 2.95
CA TYR B 217 -22.67 12.10 3.88
C TYR B 217 -22.37 13.19 4.90
N ALA B 218 -23.23 14.20 4.97
CA ALA B 218 -22.96 15.40 5.76
C ALA B 218 -23.51 15.33 7.18
N ARG B 219 -24.18 14.25 7.55
CA ARG B 219 -24.76 14.11 8.87
C ARG B 219 -24.03 13.04 9.67
N LEU B 220 -24.35 12.96 10.95
CA LEU B 220 -23.77 11.95 11.83
C LEU B 220 -24.54 10.65 11.73
N ILE B 221 -23.82 9.54 11.83
CA ILE B 221 -24.42 8.21 11.73
C ILE B 221 -24.90 7.78 13.10
N ASP B 222 -26.12 7.25 13.16
CA ASP B 222 -26.68 6.72 14.41
C ASP B 222 -26.10 5.32 14.63
N TYR B 223 -24.89 5.30 15.22
CA TYR B 223 -24.24 4.03 15.48
C TYR B 223 -25.01 3.20 16.50
N ALA B 224 -25.73 3.86 17.41
CA ALA B 224 -26.56 3.12 18.36
C ALA B 224 -27.66 2.35 17.65
N ARG B 225 -28.34 3.01 16.69
CA ARG B 225 -29.33 2.32 15.88
C ARG B 225 -28.68 1.25 15.01
N MET B 226 -27.47 1.52 14.52
CA MET B 226 -26.74 0.52 13.75
C MET B 226 -26.42 -0.70 14.61
N ARG B 227 -26.00 -0.48 15.85
CA ARG B 227 -25.69 -1.60 16.74
C ARG B 227 -26.94 -2.39 17.09
N GLU B 228 -28.09 -1.70 17.23
CA GLU B 228 -29.33 -2.40 17.52
C GLU B 228 -29.75 -3.30 16.36
N VAL B 229 -29.62 -2.79 15.13
CA VAL B 229 -29.93 -3.61 13.96
C VAL B 229 -28.97 -4.79 13.88
N CYS B 230 -27.68 -4.55 14.11
CA CYS B 230 -26.70 -5.64 14.06
C CYS B 230 -26.93 -6.65 15.17
N ASP B 231 -27.34 -6.18 16.35
CA ASP B 231 -27.58 -7.10 17.46
C ASP B 231 -28.82 -7.96 17.22
N GLU B 232 -29.81 -7.44 16.49
CA GLU B 232 -31.01 -8.22 16.22
C GLU B 232 -30.73 -9.31 15.19
N VAL B 233 -30.17 -8.94 14.03
CA VAL B 233 -29.83 -9.93 13.01
C VAL B 233 -28.53 -10.65 13.33
N LYS B 234 -27.88 -10.34 14.44
CA LYS B 234 -26.64 -10.98 14.88
C LYS B 234 -25.55 -10.86 13.81
N ALA B 235 -25.25 -9.61 13.45
CA ALA B 235 -24.22 -9.30 12.48
C ALA B 235 -23.15 -8.42 13.13
N HIS B 236 -21.96 -8.45 12.55
CA HIS B 236 -20.89 -7.58 13.01
C HIS B 236 -21.14 -6.15 12.57
N LEU B 237 -20.88 -5.20 13.46
CA LEU B 237 -20.98 -3.79 13.14
C LEU B 237 -19.58 -3.25 12.89
N LEU B 238 -19.28 -2.94 11.63
CA LEU B 238 -18.00 -2.34 11.25
C LEU B 238 -18.21 -0.86 10.99
N ALA B 239 -17.42 -0.02 11.65
CA ALA B 239 -17.46 1.42 11.45
C ALA B 239 -16.28 1.82 10.57
N ASP B 240 -16.57 2.41 9.42
CA ASP B 240 -15.55 2.87 8.48
C ASP B 240 -15.52 4.40 8.58
N MET B 241 -14.74 4.90 9.54
CA MET B 241 -14.67 6.32 9.86
C MET B 241 -13.57 7.05 9.10
N ALA B 242 -13.21 6.57 7.90
CA ALA B 242 -12.06 7.13 7.21
C ALA B 242 -12.22 8.62 6.93
N HIS B 243 -13.45 9.05 6.60
CA HIS B 243 -13.67 10.46 6.32
C HIS B 243 -13.69 11.32 7.57
N ILE B 244 -14.08 10.75 8.72
CA ILE B 244 -14.30 11.51 9.94
C ILE B 244 -13.34 11.09 11.06
N SER B 245 -12.26 10.37 10.72
CA SER B 245 -11.37 9.85 11.74
C SER B 245 -10.74 10.98 12.57
N GLY B 246 -10.28 12.04 11.90
CA GLY B 246 -9.72 13.16 12.63
C GLY B 246 -10.72 13.83 13.55
N LEU B 247 -11.98 13.91 13.10
CA LEU B 247 -13.02 14.51 13.93
C LEU B 247 -13.33 13.63 15.13
N VAL B 248 -13.27 12.31 14.96
CA VAL B 248 -13.51 11.40 16.08
C VAL B 248 -12.37 11.47 17.08
N ALA B 249 -11.13 11.55 16.59
CA ALA B 249 -9.98 11.60 17.48
C ALA B 249 -10.00 12.87 18.32
N ALA B 250 -10.37 13.99 17.73
CA ALA B 250 -10.44 15.25 18.45
C ALA B 250 -11.71 15.39 19.28
N LYS B 251 -12.58 14.38 19.26
CA LYS B 251 -13.80 14.36 20.08
C LYS B 251 -14.72 15.54 19.77
N VAL B 252 -14.74 15.98 18.51
CA VAL B 252 -15.70 17.01 18.10
C VAL B 252 -16.98 16.43 17.55
N ILE B 253 -17.01 15.13 17.26
CA ILE B 253 -18.23 14.42 16.90
C ILE B 253 -18.30 13.14 17.71
N PRO B 254 -19.49 12.55 17.86
CA PRO B 254 -19.59 11.28 18.59
C PRO B 254 -18.74 10.19 17.97
N SER B 255 -18.14 9.37 18.83
CA SER B 255 -17.20 8.33 18.42
C SER B 255 -17.93 7.02 18.10
N PRO B 256 -17.56 6.37 16.99
CA PRO B 256 -18.17 5.07 16.67
C PRO B 256 -17.69 3.94 17.56
N PHE B 257 -16.62 4.13 18.33
CA PHE B 257 -16.05 3.03 19.11
C PHE B 257 -16.95 2.59 20.25
N LYS B 258 -17.94 3.41 20.64
CA LYS B 258 -18.86 3.02 21.70
C LYS B 258 -19.89 1.99 21.26
N HIS B 259 -20.04 1.75 19.96
CA HIS B 259 -21.07 0.84 19.48
C HIS B 259 -20.50 -0.22 18.55
N ALA B 260 -19.41 0.10 17.86
CA ALA B 260 -18.85 -0.78 16.84
C ALA B 260 -17.90 -1.80 17.45
N ASP B 261 -17.94 -3.03 16.91
CA ASP B 261 -16.97 -4.04 17.30
C ASP B 261 -15.65 -3.86 16.56
N ILE B 262 -15.71 -3.57 15.27
CA ILE B 262 -14.54 -3.30 14.44
C ILE B 262 -14.65 -1.90 13.89
N VAL B 263 -13.53 -1.19 13.83
CA VAL B 263 -13.47 0.16 13.27
C VAL B 263 -12.28 0.22 12.32
N THR B 264 -12.55 0.52 11.05
CA THR B 264 -11.51 0.76 10.06
C THR B 264 -11.47 2.24 9.70
N THR B 265 -10.32 2.66 9.19
CA THR B 265 -10.15 4.04 8.77
C THR B 265 -8.92 4.16 7.90
N THR B 266 -8.89 5.20 7.08
CA THR B 266 -7.67 5.64 6.47
C THR B 266 -6.84 6.43 7.48
N THR B 267 -5.55 6.54 7.22
CA THR B 267 -4.68 7.38 8.04
C THR B 267 -4.51 8.77 7.47
N HIS B 268 -4.91 8.99 6.23
CA HIS B 268 -4.91 10.33 5.65
C HIS B 268 -6.28 10.96 5.85
N LYS B 269 -6.69 11.78 4.90
CA LYS B 269 -7.96 12.57 4.99
C LYS B 269 -7.96 13.39 6.28
N THR B 270 -8.97 13.28 7.13
CA THR B 270 -9.05 14.15 8.30
C THR B 270 -7.94 13.88 9.31
N LEU B 271 -7.40 12.66 9.31
CA LEU B 271 -6.28 12.36 10.20
C LEU B 271 -5.00 13.06 9.77
N ARG B 272 -4.94 13.57 8.53
CA ARG B 272 -3.84 14.40 8.06
C ARG B 272 -2.50 13.65 8.12
N GLY B 273 -2.53 12.36 7.80
CA GLY B 273 -1.35 11.54 7.77
C GLY B 273 -1.00 11.06 6.37
N ALA B 274 0.02 10.21 6.32
CA ALA B 274 0.35 9.54 5.07
C ALA B 274 -0.74 8.55 4.70
N ARG B 275 -0.77 8.17 3.43
CA ARG B 275 -1.78 7.23 2.95
C ARG B 275 -1.50 5.84 3.50
N SER B 276 -2.40 5.35 4.35
CA SER B 276 -2.31 4.04 4.97
C SER B 276 -3.68 3.72 5.57
N GLY B 277 -3.76 2.61 6.29
CA GLY B 277 -5.01 2.19 6.88
C GLY B 277 -4.83 1.64 8.28
N LEU B 278 -5.93 1.57 9.00
CA LEU B 278 -5.94 1.06 10.37
C LEU B 278 -7.17 0.17 10.56
N ILE B 279 -7.02 -0.84 11.43
CA ILE B 279 -8.12 -1.72 11.81
C ILE B 279 -8.14 -1.78 13.33
N PHE B 280 -9.14 -1.14 13.94
CA PHE B 280 -9.37 -1.26 15.37
C PHE B 280 -10.35 -2.39 15.62
N TYR B 281 -10.08 -3.19 16.66
CA TYR B 281 -10.93 -4.33 16.98
C TYR B 281 -11.07 -4.44 18.50
N ARG B 282 -12.24 -4.92 18.92
CA ARG B 282 -12.49 -5.12 20.34
C ARG B 282 -11.64 -6.26 20.89
N LYS B 283 -11.17 -6.09 22.12
CA LYS B 283 -10.39 -7.10 22.82
C LYS B 283 -11.04 -7.43 24.15
N GLY B 284 -10.68 -8.58 24.69
CA GLY B 284 -11.10 -8.95 26.03
C GLY B 284 -12.40 -9.73 26.10
N VAL B 285 -13.14 -9.54 27.20
CA VAL B 285 -14.35 -10.32 27.46
C VAL B 285 -15.51 -9.72 26.69
N LYS B 286 -16.25 -10.57 25.97
CA LYS B 286 -17.43 -10.13 25.24
C LYS B 286 -18.66 -10.14 26.14
N ARG B 294 -19.21 -18.63 31.48
CA ARG B 294 -17.83 -18.28 31.79
C ARG B 294 -17.38 -17.05 30.99
N GLU B 295 -16.09 -16.78 31.01
CA GLU B 295 -15.51 -15.64 30.31
C GLU B 295 -15.47 -15.94 28.82
N ILE B 296 -16.42 -15.40 28.07
CA ILE B 296 -16.46 -15.57 26.62
C ILE B 296 -15.65 -14.44 25.99
N PRO B 297 -14.48 -14.71 25.43
CA PRO B 297 -13.62 -13.64 24.95
C PRO B 297 -13.93 -13.19 23.53
N TYR B 298 -13.51 -11.97 23.23
CA TYR B 298 -13.54 -11.50 21.85
C TYR B 298 -12.51 -12.27 21.03
N THR B 299 -12.89 -12.67 19.82
CA THR B 299 -12.03 -13.45 18.94
C THR B 299 -11.68 -12.68 17.67
N PHE B 300 -11.57 -11.36 17.77
CA PHE B 300 -11.26 -10.52 16.62
C PHE B 300 -9.76 -10.42 16.36
N GLU B 301 -8.96 -10.32 17.42
CA GLU B 301 -7.55 -9.95 17.27
C GLU B 301 -6.78 -10.91 16.39
N ASP B 302 -6.83 -12.21 16.70
CA ASP B 302 -6.04 -13.18 15.95
C ASP B 302 -6.53 -13.28 14.50
N ARG B 303 -7.84 -13.17 14.29
CA ARG B 303 -8.37 -13.27 12.93
C ARG B 303 -8.02 -12.04 12.11
N ILE B 304 -8.15 -10.84 12.70
CA ILE B 304 -7.83 -9.61 11.99
C ILE B 304 -6.36 -9.60 11.59
N ASN B 305 -5.48 -9.85 12.56
CA ASN B 305 -4.04 -9.82 12.28
C ASN B 305 -3.65 -10.85 11.23
N PHE B 306 -4.23 -12.04 11.30
CA PHE B 306 -3.90 -13.10 10.35
C PHE B 306 -4.36 -12.74 8.94
N ALA B 307 -5.50 -12.06 8.83
CA ALA B 307 -6.00 -11.67 7.51
C ALA B 307 -5.08 -10.63 6.86
N VAL B 308 -4.58 -9.68 7.65
CA VAL B 308 -3.65 -8.69 7.11
C VAL B 308 -2.37 -9.37 6.64
N PHE B 309 -1.75 -10.16 7.51
CA PHE B 309 -0.62 -10.98 7.16
C PHE B 309 -0.74 -12.27 7.97
N PRO B 310 -0.54 -13.44 7.34
CA PRO B 310 -0.02 -13.67 6.00
C PRO B 310 -1.07 -13.76 4.88
N SER B 311 -2.33 -13.50 5.17
CA SER B 311 -3.39 -13.82 4.22
C SER B 311 -3.37 -12.87 3.02
N LEU B 312 -3.36 -11.56 3.26
CA LEU B 312 -3.58 -10.59 2.20
C LEU B 312 -2.34 -9.81 1.79
N GLN B 313 -1.55 -9.34 2.74
CA GLN B 313 -0.44 -8.44 2.44
C GLN B 313 0.89 -9.15 2.56
N GLY B 314 1.92 -8.50 2.03
CA GLY B 314 3.29 -8.97 2.19
C GLY B 314 4.01 -8.16 3.24
N GLY B 315 5.21 -7.68 2.91
CA GLY B 315 5.96 -6.86 3.83
C GLY B 315 5.27 -5.55 4.13
N PRO B 316 5.21 -5.19 5.42
CA PRO B 316 4.61 -3.91 5.78
C PRO B 316 5.41 -2.74 5.20
N HIS B 317 4.72 -1.61 5.04
CA HIS B 317 5.37 -0.37 4.62
C HIS B 317 5.73 0.41 5.89
N ASN B 318 6.89 0.05 6.45
CA ASN B 318 7.30 0.60 7.74
C ASN B 318 7.47 2.11 7.68
N HIS B 319 7.82 2.65 6.51
CA HIS B 319 7.93 4.11 6.37
C HIS B 319 6.57 4.77 6.50
N ALA B 320 5.52 4.14 5.94
CA ALA B 320 4.18 4.66 6.12
C ALA B 320 3.72 4.50 7.56
N ILE B 321 4.06 3.38 8.19
CA ILE B 321 3.67 3.14 9.58
C ILE B 321 4.25 4.22 10.49
N ALA B 322 5.50 4.60 10.26
CA ALA B 322 6.10 5.66 11.05
C ALA B 322 5.46 7.01 10.77
N ALA B 323 5.16 7.29 9.50
CA ALA B 323 4.47 8.53 9.16
C ALA B 323 3.08 8.58 9.79
N VAL B 324 2.41 7.42 9.87
CA VAL B 324 1.12 7.36 10.55
C VAL B 324 1.31 7.65 12.03
N ALA B 325 2.34 7.09 12.65
CA ALA B 325 2.60 7.34 14.06
C ALA B 325 2.90 8.81 14.33
N VAL B 326 3.58 9.47 13.38
CA VAL B 326 3.82 10.91 13.52
C VAL B 326 2.49 11.67 13.51
N ALA B 327 1.62 11.33 12.56
CA ALA B 327 0.33 12.02 12.46
C ALA B 327 -0.58 11.67 13.62
N LEU B 328 -0.52 10.42 14.11
CA LEU B 328 -1.34 10.04 15.25
C LEU B 328 -0.92 10.77 16.52
N LYS B 329 0.38 11.04 16.67
CA LYS B 329 0.83 11.85 17.81
C LYS B 329 0.27 13.26 17.71
N GLN B 330 0.29 13.85 16.51
CA GLN B 330 -0.28 15.18 16.32
C GLN B 330 -1.77 15.19 16.62
N ALA B 331 -2.47 14.09 16.35
CA ALA B 331 -3.91 14.02 16.60
C ALA B 331 -4.26 14.02 18.08
N CYS B 332 -3.29 13.77 18.97
CA CYS B 332 -3.52 13.81 20.40
C CYS B 332 -3.31 15.19 21.01
N THR B 333 -2.74 16.12 20.26
CA THR B 333 -2.40 17.43 20.79
C THR B 333 -3.62 18.34 20.83
N PRO B 334 -3.63 19.32 21.74
CA PRO B 334 -4.69 20.35 21.68
C PRO B 334 -4.72 21.11 20.37
N MET B 335 -3.60 21.15 19.64
CA MET B 335 -3.61 21.76 18.31
C MET B 335 -4.60 21.06 17.39
N PHE B 336 -4.64 19.73 17.43
CA PHE B 336 -5.52 18.99 16.52
C PHE B 336 -6.98 19.18 16.91
N ARG B 337 -7.27 19.27 18.20
CA ARG B 337 -8.64 19.55 18.64
C ARG B 337 -9.13 20.89 18.08
N GLU B 338 -8.27 21.91 18.11
N GLU B 338 -8.27 21.91 18.13
CA GLU B 338 -8.63 23.19 17.54
CA GLU B 338 -8.63 23.19 17.54
C GLU B 338 -8.76 23.10 16.02
C GLU B 338 -8.76 23.10 16.02
N TYR B 339 -7.98 22.22 15.38
CA TYR B 339 -8.06 22.07 13.94
C TYR B 339 -9.39 21.44 13.53
N SER B 340 -9.78 20.37 14.21
CA SER B 340 -11.05 19.71 13.89
C SER B 340 -12.24 20.59 14.23
N LEU B 341 -12.15 21.38 15.31
CA LEU B 341 -13.20 22.34 15.60
C LEU B 341 -13.33 23.36 14.47
N GLN B 342 -12.20 23.86 13.97
CA GLN B 342 -12.23 24.78 12.85
C GLN B 342 -12.76 24.12 11.59
N VAL B 343 -12.49 22.82 11.41
CA VAL B 343 -13.03 22.09 10.27
C VAL B 343 -14.56 22.11 10.31
N LEU B 344 -15.12 21.85 11.49
CA LEU B 344 -16.57 21.85 11.64
C LEU B 344 -17.16 23.22 11.35
N LYS B 345 -16.58 24.27 11.94
CA LYS B 345 -17.10 25.62 11.72
C LYS B 345 -16.94 26.05 10.27
N ASN B 346 -15.83 25.66 9.64
CA ASN B 346 -15.62 25.99 8.23
C ASN B 346 -16.63 25.27 7.34
N ALA B 347 -16.96 24.03 7.67
CA ALA B 347 -17.95 23.30 6.90
C ALA B 347 -19.34 23.92 7.04
N ARG B 348 -19.71 24.33 8.26
CA ARG B 348 -20.99 25.00 8.45
C ARG B 348 -20.99 26.41 7.88
N ALA B 349 -19.84 27.10 7.92
CA ALA B 349 -19.75 28.41 7.30
C ALA B 349 -19.86 28.31 5.78
N MET B 350 -19.27 27.27 5.20
CA MET B 350 -19.42 27.02 3.77
C MET B 350 -20.85 26.64 3.43
N ALA B 351 -21.50 25.88 4.32
CA ALA B 351 -22.89 25.48 4.09
C ALA B 351 -23.82 26.69 4.16
N ASP B 352 -23.66 27.52 5.19
CA ASP B 352 -24.50 28.70 5.33
C ASP B 352 -24.26 29.69 4.19
N ALA B 353 -22.99 29.88 3.80
CA ALA B 353 -22.70 30.76 2.68
C ALA B 353 -23.33 30.27 1.40
N LEU B 354 -23.49 28.94 1.26
CA LEU B 354 -24.16 28.40 0.09
C LEU B 354 -25.67 28.56 0.18
N LEU B 355 -26.24 28.34 1.37
CA LEU B 355 -27.67 28.49 1.54
C LEU B 355 -28.14 29.91 1.27
N GLU B 356 -27.33 30.88 1.68
CA GLU B 356 -27.67 32.30 1.51
C GLU B 356 -27.39 32.81 0.10
N ARG B 357 -27.10 31.92 -0.86
CA ARG B 357 -26.89 32.32 -2.25
C ARG B 357 -27.75 31.50 -3.20
N GLY B 358 -28.78 30.85 -2.70
CA GLY B 358 -29.69 30.10 -3.55
C GLY B 358 -29.26 28.69 -3.87
N TYR B 359 -28.58 28.01 -2.95
CA TYR B 359 -28.15 26.63 -3.15
C TYR B 359 -28.88 25.71 -2.17
N SER B 360 -29.35 24.58 -2.68
CA SER B 360 -29.93 23.55 -1.84
C SER B 360 -28.83 22.59 -1.38
N LEU B 361 -28.98 22.08 -0.15
CA LEU B 361 -28.03 21.16 0.44
C LEU B 361 -28.74 19.86 0.78
N VAL B 362 -28.13 18.74 0.40
CA VAL B 362 -28.68 17.44 0.75
C VAL B 362 -28.69 17.29 2.27
N SER B 363 -29.81 16.81 2.80
CA SER B 363 -30.06 16.70 4.24
C SER B 363 -30.11 18.06 4.94
N GLY B 364 -30.30 19.14 4.19
CA GLY B 364 -30.45 20.47 4.75
C GLY B 364 -29.15 21.22 5.02
N GLY B 365 -28.17 20.53 5.61
CA GLY B 365 -26.91 21.17 5.93
C GLY B 365 -25.80 20.16 6.18
N THR B 366 -25.01 20.40 7.23
CA THR B 366 -23.90 19.52 7.55
C THR B 366 -23.71 19.46 9.05
N ASP B 367 -23.12 18.36 9.51
CA ASP B 367 -22.71 18.20 10.89
C ASP B 367 -21.28 17.66 11.01
N ASN B 368 -20.58 17.52 9.89
CA ASN B 368 -19.20 17.07 9.91
C ASN B 368 -18.31 18.00 9.08
N HIS B 369 -17.46 17.42 8.24
CA HIS B 369 -16.42 18.17 7.54
C HIS B 369 -16.79 18.58 6.12
N LEU B 370 -17.81 17.96 5.53
CA LEU B 370 -18.15 18.20 4.13
C LEU B 370 -19.57 18.75 4.02
N VAL B 371 -19.90 19.21 2.81
CA VAL B 371 -21.23 19.67 2.48
C VAL B 371 -21.65 19.02 1.16
N LEU B 372 -22.90 18.55 1.11
CA LEU B 372 -23.45 17.94 -0.09
C LEU B 372 -24.37 18.96 -0.75
N VAL B 373 -23.80 19.74 -1.65
CA VAL B 373 -24.57 20.77 -2.34
C VAL B 373 -25.34 20.13 -3.49
N ASP B 374 -26.60 20.54 -3.65
CA ASP B 374 -27.46 20.05 -4.72
C ASP B 374 -27.62 21.18 -5.74
N LEU B 375 -27.09 20.95 -6.95
CA LEU B 375 -27.02 21.99 -7.95
C LEU B 375 -28.20 22.00 -8.90
N ARG B 376 -29.09 21.02 -8.82
CA ARG B 376 -30.19 21.00 -9.78
C ARG B 376 -31.27 22.05 -9.50
N PRO B 377 -31.52 22.44 -8.24
CA PRO B 377 -32.32 23.67 -8.03
C PRO B 377 -31.55 24.93 -8.39
N LYS B 378 -30.62 24.81 -9.33
CA LYS B 378 -29.84 25.94 -9.83
C LYS B 378 -29.70 25.94 -11.35
N GLY B 379 -30.00 24.84 -12.04
CA GLY B 379 -29.88 24.77 -13.48
C GLY B 379 -28.61 24.12 -13.98
N LEU B 380 -27.69 23.77 -13.08
CA LEU B 380 -26.43 23.14 -13.45
C LEU B 380 -26.32 21.78 -12.76
N ASP B 381 -25.40 20.97 -13.26
CA ASP B 381 -25.15 19.64 -12.71
C ASP B 381 -23.75 19.58 -12.12
N GLY B 382 -23.47 18.48 -11.42
CA GLY B 382 -22.16 18.31 -10.80
C GLY B 382 -21.05 18.10 -11.79
N ALA B 383 -21.34 17.44 -12.91
CA ALA B 383 -20.31 17.20 -13.93
C ALA B 383 -19.89 18.50 -14.60
N ARG B 384 -20.86 19.35 -14.94
CA ARG B 384 -20.53 20.61 -15.61
C ARG B 384 -19.83 21.57 -14.66
N ALA B 385 -20.26 21.63 -13.41
CA ALA B 385 -19.70 22.58 -12.46
C ALA B 385 -18.27 22.23 -12.08
N GLU B 386 -17.99 20.93 -11.91
CA GLU B 386 -16.67 20.52 -11.42
C GLU B 386 -15.59 20.77 -12.46
N ARG B 387 -15.91 20.67 -13.75
CA ARG B 387 -14.89 20.97 -14.76
C ARG B 387 -14.67 22.47 -14.89
N VAL B 388 -15.73 23.26 -14.74
CA VAL B 388 -15.56 24.72 -14.70
C VAL B 388 -14.75 25.11 -13.49
N LEU B 389 -15.07 24.53 -12.32
CA LEU B 389 -14.33 24.83 -11.11
C LEU B 389 -12.88 24.36 -11.20
N GLU B 390 -12.66 23.21 -11.86
CA GLU B 390 -11.30 22.71 -12.01
C GLU B 390 -10.46 23.65 -12.86
N LEU B 391 -11.06 24.27 -13.87
CA LEU B 391 -10.34 25.19 -14.74
C LEU B 391 -9.99 26.51 -14.06
N VAL B 392 -10.55 26.78 -12.87
CA VAL B 392 -10.19 27.98 -12.12
C VAL B 392 -9.50 27.55 -10.82
N SER B 393 -8.83 26.40 -10.85
CA SER B 393 -8.01 25.91 -9.74
C SER B 393 -8.84 25.64 -8.49
N ILE B 394 -10.09 25.23 -8.67
CA ILE B 394 -10.96 24.85 -7.56
C ILE B 394 -11.34 23.39 -7.76
N THR B 395 -10.77 22.51 -6.94
CA THR B 395 -10.97 21.07 -7.10
C THR B 395 -12.14 20.60 -6.25
N ALA B 396 -13.17 20.07 -6.92
CA ALA B 396 -14.29 19.42 -6.27
C ALA B 396 -14.62 18.17 -7.06
N ASN B 397 -15.65 17.44 -6.62
CA ASN B 397 -16.09 16.25 -7.33
C ASN B 397 -17.60 16.22 -7.39
N LYS B 398 -18.13 15.76 -8.52
CA LYS B 398 -19.58 15.60 -8.67
C LYS B 398 -20.09 14.55 -7.69
N ASN B 399 -21.36 14.69 -7.31
CA ASN B 399 -21.96 13.81 -6.33
C ASN B 399 -23.42 13.53 -6.68
N THR B 400 -23.81 12.27 -6.56
CA THR B 400 -25.19 11.88 -6.81
C THR B 400 -26.08 12.37 -5.68
N CYS B 401 -27.18 13.04 -6.04
CA CYS B 401 -28.12 13.54 -5.05
C CYS B 401 -29.36 12.65 -5.00
N PRO B 402 -30.04 12.57 -3.85
CA PRO B 402 -31.27 11.78 -3.73
C PRO B 402 -32.40 12.28 -4.64
N ASP B 404 -32.07 12.52 -7.90
CA ASP B 404 -31.47 12.66 -9.22
C ASP B 404 -32.37 12.03 -10.27
N ARG B 405 -31.91 12.07 -11.52
CA ARG B 405 -32.61 11.39 -12.61
C ARG B 405 -31.63 10.52 -13.39
N SER B 406 -30.56 11.13 -13.90
CA SER B 406 -29.52 10.43 -14.65
C SER B 406 -28.34 10.14 -13.73
N ALA B 407 -27.24 9.69 -14.32
CA ALA B 407 -26.07 9.33 -13.52
C ALA B 407 -24.82 9.90 -14.14
N ILE B 408 -24.81 10.02 -15.47
CA ILE B 408 -23.67 10.64 -16.12
C ILE B 408 -23.65 12.13 -15.88
N THR B 409 -24.79 12.71 -15.53
CA THR B 409 -24.91 14.11 -15.10
C THR B 409 -25.47 14.11 -13.69
N PRO B 410 -24.64 13.83 -12.69
CA PRO B 410 -25.14 13.77 -11.32
C PRO B 410 -25.55 15.13 -10.80
N GLY B 411 -26.30 15.11 -9.70
CA GLY B 411 -26.94 16.29 -9.17
C GLY B 411 -26.06 17.46 -8.81
N GLY B 412 -25.27 17.31 -7.75
CA GLY B 412 -24.54 18.40 -7.17
C GLY B 412 -23.08 18.05 -6.99
N LEU B 413 -22.45 18.70 -6.03
CA LEU B 413 -21.03 18.58 -5.76
C LEU B 413 -20.81 18.19 -4.32
N ARG B 414 -19.63 17.65 -4.04
CA ARG B 414 -19.18 17.38 -2.69
C ARG B 414 -18.00 18.31 -2.39
N LEU B 415 -18.14 19.13 -1.36
CA LEU B 415 -17.13 20.11 -0.97
C LEU B 415 -16.66 19.81 0.45
N GLY B 416 -15.35 19.85 0.65
CA GLY B 416 -14.79 19.54 1.95
C GLY B 416 -14.04 20.69 2.59
N ALA B 417 -13.95 20.65 3.91
CA ALA B 417 -13.26 21.66 4.72
C ALA B 417 -11.83 21.28 5.14
N PRO B 418 -11.53 20.02 5.47
CA PRO B 418 -10.24 19.73 6.12
C PRO B 418 -9.01 20.22 5.35
N ALA B 419 -9.04 20.19 4.02
CA ALA B 419 -7.86 20.54 3.24
C ALA B 419 -7.45 21.99 3.47
N LEU B 420 -8.37 22.93 3.19
CA LEU B 420 -8.03 24.34 3.33
C LEU B 420 -7.92 24.76 4.78
N THR B 421 -8.64 24.08 5.69
CA THR B 421 -8.50 24.37 7.11
C THR B 421 -7.08 24.14 7.58
N SER B 422 -6.40 23.14 7.02
CA SER B 422 -4.98 22.93 7.32
C SER B 422 -4.11 24.08 6.82
N ARG B 423 -4.63 24.91 5.92
CA ARG B 423 -3.94 26.10 5.44
C ARG B 423 -4.38 27.36 6.19
N GLN B 424 -4.81 27.20 7.45
CA GLN B 424 -5.20 28.31 8.33
C GLN B 424 -6.43 29.05 7.79
N PHE B 425 -7.30 28.36 7.05
CA PHE B 425 -8.53 28.98 6.57
C PHE B 425 -9.51 29.17 7.72
N ARG B 426 -10.10 30.35 7.81
CA ARG B 426 -11.10 30.66 8.82
C ARG B 426 -12.49 30.70 8.17
N GLU B 427 -13.49 31.06 8.97
CA GLU B 427 -14.87 31.09 8.47
C GLU B 427 -15.01 32.08 7.31
N ASP B 428 -14.42 33.27 7.44
CA ASP B 428 -14.50 34.25 6.37
C ASP B 428 -13.79 33.77 5.11
N ASP B 429 -12.72 32.99 5.26
CA ASP B 429 -11.99 32.51 4.10
C ASP B 429 -12.83 31.55 3.27
N PHE B 430 -13.61 30.70 3.93
CA PHE B 430 -14.48 29.78 3.19
C PHE B 430 -15.66 30.51 2.57
N ARG B 431 -16.11 31.60 3.19
CA ARG B 431 -17.18 32.39 2.59
C ARG B 431 -16.74 33.05 1.29
N ARG B 432 -15.45 33.40 1.19
CA ARG B 432 -14.92 33.87 -0.07
C ARG B 432 -14.70 32.73 -1.05
N VAL B 433 -14.42 31.52 -0.55
CA VAL B 433 -14.36 30.35 -1.42
C VAL B 433 -15.71 30.10 -2.07
N VAL B 434 -16.78 30.22 -1.29
CA VAL B 434 -18.13 30.11 -1.85
C VAL B 434 -18.39 31.22 -2.85
N ASP B 435 -17.83 32.41 -2.61
CA ASP B 435 -17.93 33.49 -3.59
C ASP B 435 -17.27 33.08 -4.91
N PHE B 436 -16.08 32.46 -4.83
CA PHE B 436 -15.41 32.01 -6.03
C PHE B 436 -16.16 30.86 -6.69
N ILE B 437 -16.73 29.95 -5.89
CA ILE B 437 -17.53 28.85 -6.44
C ILE B 437 -18.72 29.39 -7.20
N ASP B 438 -19.52 30.26 -6.55
CA ASP B 438 -20.71 30.81 -7.18
C ASP B 438 -20.40 31.48 -8.50
N GLU B 439 -19.24 32.14 -8.59
CA GLU B 439 -18.86 32.76 -9.85
C GLU B 439 -18.59 31.71 -10.92
N GLY B 440 -17.95 30.60 -10.55
CA GLY B 440 -17.78 29.51 -11.50
C GLY B 440 -19.09 28.84 -11.84
N VAL B 441 -20.00 28.75 -10.87
CA VAL B 441 -21.33 28.18 -11.14
C VAL B 441 -22.06 28.99 -12.21
N ASN B 442 -21.95 30.32 -12.13
CA ASN B 442 -22.65 31.18 -13.08
C ASN B 442 -22.03 31.11 -14.47
N ILE B 443 -20.70 30.99 -14.54
CA ILE B 443 -20.05 30.82 -15.83
C ILE B 443 -20.50 29.50 -16.47
N GLY B 444 -20.62 28.45 -15.67
CA GLY B 444 -21.10 27.18 -16.20
C GLY B 444 -22.55 27.26 -16.66
N LEU B 445 -23.38 28.00 -15.93
CA LEU B 445 -24.77 28.16 -16.33
C LEU B 445 -24.90 28.92 -17.64
N GLU B 446 -23.98 29.87 -17.90
CA GLU B 446 -24.00 30.59 -19.16
C GLU B 446 -23.47 29.74 -20.30
N VAL B 447 -22.44 28.94 -20.05
CA VAL B 447 -21.92 28.04 -21.07
C VAL B 447 -22.95 26.97 -21.42
N LYS B 448 -23.74 26.52 -20.42
CA LYS B 448 -24.81 25.58 -20.70
C LYS B 448 -25.85 26.17 -21.63
N SER B 449 -26.04 27.50 -21.59
CA SER B 449 -27.00 28.14 -22.48
C SER B 449 -26.53 28.14 -23.93
N LYS B 450 -25.22 28.09 -24.16
CA LYS B 450 -24.66 28.12 -25.50
C LYS B 450 -24.22 26.75 -25.99
N THR B 451 -24.32 25.72 -25.17
CA THR B 451 -23.84 24.39 -25.53
C THR B 451 -24.98 23.37 -25.41
N ALA B 452 -24.76 22.21 -26.04
CA ALA B 452 -25.76 21.15 -26.03
C ALA B 452 -25.52 20.16 -24.90
N LYS B 453 -24.78 19.09 -25.18
CA LYS B 453 -24.55 18.04 -24.21
C LYS B 453 -23.25 18.30 -23.43
N LEU B 454 -22.77 17.29 -22.72
CA LEU B 454 -21.63 17.49 -21.82
C LEU B 454 -20.36 17.80 -22.60
N GLN B 455 -20.09 17.04 -23.68
CA GLN B 455 -18.85 17.26 -24.43
C GLN B 455 -18.84 18.64 -25.07
N ASP B 456 -20.01 19.12 -25.52
CA ASP B 456 -20.08 20.49 -26.04
C ASP B 456 -19.81 21.51 -24.95
N PHE B 457 -20.25 21.21 -23.72
CA PHE B 457 -20.05 22.12 -22.60
C PHE B 457 -18.56 22.27 -22.29
N LYS B 458 -17.86 21.15 -22.11
CA LYS B 458 -16.44 21.22 -21.76
C LYS B 458 -15.60 21.75 -22.91
N SER B 459 -16.00 21.47 -24.15
CA SER B 459 -15.21 21.93 -25.30
C SER B 459 -15.26 23.46 -25.42
N PHE B 460 -16.42 24.06 -25.16
CA PHE B 460 -16.53 25.51 -25.26
C PHE B 460 -15.73 26.22 -24.19
N LEU B 461 -15.52 25.58 -23.04
CA LEU B 461 -14.75 26.21 -21.97
C LEU B 461 -13.31 26.49 -22.39
N LEU B 462 -12.77 25.68 -23.29
CA LEU B 462 -11.40 25.85 -23.76
C LEU B 462 -11.32 26.45 -25.16
N LYS B 463 -12.41 26.47 -25.91
CA LYS B 463 -12.40 26.93 -27.29
C LYS B 463 -12.94 28.35 -27.47
N ASP B 464 -13.93 28.75 -26.68
CA ASP B 464 -14.51 30.08 -26.82
C ASP B 464 -13.57 31.13 -26.23
N SER B 465 -13.32 32.19 -27.00
CA SER B 465 -12.36 33.21 -26.58
C SER B 465 -12.84 33.95 -25.33
N GLU B 466 -14.08 34.45 -25.36
CA GLU B 466 -14.60 35.20 -24.22
C GLU B 466 -14.76 34.30 -22.98
N THR B 467 -15.07 33.02 -23.19
CA THR B 467 -15.23 32.12 -22.07
C THR B 467 -13.89 31.75 -21.45
N SER B 468 -12.89 31.43 -22.27
CA SER B 468 -11.57 31.09 -21.75
C SER B 468 -10.93 32.27 -21.06
N GLN B 469 -11.16 33.48 -21.57
CA GLN B 469 -10.62 34.67 -20.92
C GLN B 469 -11.34 34.95 -19.61
N ARG B 470 -12.66 34.71 -19.57
CA ARG B 470 -13.39 34.88 -18.31
C ARG B 470 -12.98 33.82 -17.30
N LEU B 471 -12.68 32.61 -17.76
CA LEU B 471 -12.17 31.58 -16.86
C LEU B 471 -10.76 31.90 -16.40
N ALA B 472 -9.95 32.49 -17.29
CA ALA B 472 -8.58 32.84 -16.92
C ALA B 472 -8.55 33.91 -15.85
N ASN B 473 -9.49 34.86 -15.90
CA ASN B 473 -9.54 35.90 -14.89
C ASN B 473 -9.93 35.34 -13.53
N LEU B 474 -10.98 34.52 -13.49
CA LEU B 474 -11.39 33.91 -12.23
C LEU B 474 -10.29 33.01 -11.67
N ARG B 475 -9.67 32.21 -12.54
CA ARG B 475 -8.51 31.41 -12.12
C ARG B 475 -7.39 32.30 -11.61
N GLN B 476 -7.23 33.48 -12.21
CA GLN B 476 -6.17 34.40 -11.79
C GLN B 476 -6.39 34.86 -10.35
N ARG B 477 -7.62 35.20 -9.99
CA ARG B 477 -7.89 35.69 -8.65
C ARG B 477 -8.01 34.55 -7.64
N VAL B 478 -8.45 33.37 -8.07
CA VAL B 478 -8.48 32.22 -7.17
C VAL B 478 -7.06 31.81 -6.78
N GLU B 479 -6.17 31.70 -7.76
CA GLU B 479 -4.79 31.32 -7.47
C GLU B 479 -4.09 32.39 -6.65
N GLN B 480 -4.35 33.66 -6.94
CA GLN B 480 -3.75 34.75 -6.17
C GLN B 480 -4.24 34.74 -4.72
N PHE B 481 -5.49 34.33 -4.50
CA PHE B 481 -6.04 34.29 -3.15
C PHE B 481 -5.55 33.06 -2.39
N ALA B 482 -5.31 31.94 -3.08
CA ALA B 482 -4.91 30.72 -2.41
C ALA B 482 -3.42 30.70 -2.06
N ARG B 483 -2.58 31.34 -2.88
CA ARG B 483 -1.14 31.32 -2.64
C ARG B 483 -0.78 32.04 -1.35
N ALA B 484 -1.60 33.00 -0.91
CA ALA B 484 -1.29 33.77 0.29
C ALA B 484 -1.32 32.93 1.56
N PHE B 485 -2.01 31.79 1.53
CA PHE B 485 -2.12 30.95 2.72
C PHE B 485 -0.94 29.98 2.80
N PRO B 486 -0.53 29.62 4.02
CA PRO B 486 0.57 28.66 4.16
C PRO B 486 0.16 27.27 3.72
N MET B 487 1.16 26.39 3.64
CA MET B 487 0.93 25.04 3.17
C MET B 487 1.79 24.05 3.95
N PRO B 488 1.18 23.06 4.61
CA PRO B 488 1.97 22.05 5.33
C PRO B 488 2.86 21.26 4.37
N GLY B 489 3.92 20.69 4.93
CA GLY B 489 4.87 19.92 4.16
C GLY B 489 6.14 20.70 3.87
N PHE B 490 6.85 20.23 2.84
CA PHE B 490 8.09 20.87 2.42
C PHE B 490 7.77 22.17 1.67
N ASP B 491 8.82 22.86 1.23
CA ASP B 491 8.66 24.14 0.55
C ASP B 491 8.46 23.97 -0.95
N GLU B 492 9.30 23.16 -1.60
CA GLU B 492 9.31 23.05 -3.05
C GLU B 492 8.82 21.71 -3.56
N HIS B 493 8.50 20.76 -2.68
CA HIS B 493 8.04 19.45 -3.14
C HIS B 493 7.21 18.74 -2.07
N GLY C . 8.42 -12.12 0.25
CA GLY C . 9.61 -12.68 -0.39
C GLY C . 10.84 -12.59 0.48
O GLY C . 11.92 -13.07 0.11
OXT GLY C . 10.81 -12.03 1.58
N1 PLP D . 5.81 -12.58 -4.76
C2 PLP D . 7.13 -12.69 -4.91
C2A PLP D . 7.66 -13.72 -5.85
C3 PLP D . 8.00 -11.87 -4.18
O3 PLP D . 9.32 -12.03 -4.39
C4 PLP D . 7.47 -10.90 -3.30
C4A PLP D . 8.39 -10.03 -2.56
C5 PLP D . 6.07 -10.80 -3.18
C6 PLP D . 5.30 -11.65 -3.91
C5A PLP D . 5.40 -9.83 -2.25
O4P PLP D . 5.88 -8.45 -2.25
P PLP D . 5.33 -7.46 -1.11
O1P PLP D . 3.82 -7.60 -1.13
O2P PLP D . 5.79 -6.06 -1.50
O3P PLP D . 5.93 -7.94 0.19
C20 ZVR E . 1.95 -19.13 10.08
C23 ZVR E . 0.21 -17.71 12.70
C26 ZVR E . 1.18 -20.39 9.66
C29 ZVR E . 7.70 -14.42 2.92
C17 ZVR E . 2.72 -18.75 7.64
N19 ZVR E . 2.91 -18.69 9.07
C13 ZVR E . 5.07 -18.86 6.63
C32 ZVR E . 5.83 -17.16 5.11
C12 ZVR E . 3.84 -18.21 6.73
C02 ZVR E . 9.90 -18.43 0.51
C04 ZVR E . 8.20 -16.95 1.01
C05 ZVR E . 10.98 -15.97 3.06
C06 ZVR E . 10.04 -15.02 3.44
C08 ZVR E . 9.08 -16.29 1.94
C09 ZVR E . 10.35 -16.78 2.09
C14 ZVR E . 3.62 -17.04 6.03
C15 ZVR E . 6.08 -18.33 5.81
C16 ZVR E . 4.60 -16.51 5.21
C21 ZVR E . 0.97 -17.99 10.32
C22 ZVR E . 1.21 -17.28 11.64
C30 ZVR E . 6.76 -15.02 3.99
C31 ZVR E . 6.92 -16.54 4.20
F33 ZVR E . 5.30 -20.01 7.34
N01 ZVR E . 10.74 -17.85 1.36
N03 ZVR E . 8.65 -17.98 0.33
N07 ZVR E . 8.91 -15.22 2.77
N11 ZVR E . 10.35 -19.58 -0.26
O10 ZVR E . 7.10 -16.57 0.84
O18 ZVR E . 1.72 -19.18 7.15
O24 ZVR E . -0.36 -18.82 12.62
O25 ZVR E . -0.05 -16.94 13.67
O27 ZVR E . 1.80 -21.34 9.09
O28 ZVR E . -0.05 -20.48 9.88
N GLY F . -14.11 8.04 0.67
CA GLY F . -13.49 8.00 -0.65
C GLY F . -13.27 9.36 -1.25
O GLY F . -12.39 9.54 -2.10
OXT GLY F . -13.97 10.32 -0.92
N1 PLP G . -13.86 3.62 2.80
C2 PLP G . -14.14 4.85 3.24
C2A PLP G . -15.36 5.08 4.06
C3 PLP G . -13.29 5.92 2.93
O3 PLP G . -13.64 7.14 3.40
C4 PLP G . -12.15 5.70 2.14
C4A PLP G . -11.27 6.83 1.85
C5 PLP G . -11.87 4.39 1.71
C6 PLP G . -12.76 3.40 2.07
C5A PLP G . -10.69 4.03 0.86
O4P PLP G . -9.40 4.58 1.26
P PLP G . -8.12 4.34 0.31
O1P PLP G . -8.05 2.85 0.07
O2P PLP G . -6.92 4.87 1.07
O3P PLP G . -8.40 5.13 -0.97
#